data_1Z26
#
_entry.id   1Z26
#
_cell.length_a   69.100
_cell.length_b   103.501
_cell.length_c   73.225
_cell.angle_alpha   90.00
_cell.angle_beta   102.46
_cell.angle_gamma   90.00
#
_symmetry.space_group_name_H-M   'P 1 21 1'
#
loop_
_entity.id
_entity.type
_entity.pdbx_description
1 polymer Argonaute
2 non-polymer TUNGSTATE(VI)ION
3 water water
#
_entity_poly.entity_id   1
_entity_poly.type   'polypeptide(L)'
_entity_poly.pdbx_seq_one_letter_code
;SMKAIVVINLVKINKKIIPDKIYVYRLFNDPEEELQKEGYSIYRLAYENVGIVIDPENLIIATTKELEYEGEFIPEGEIS
FSELRNDYQSKLVLRLLKENGIGEYELSKLLRKFRKPKTFGDYKVIPSVEMSVIKHDEDFYLVIHIIHQIQSMKTLWELV
NKDPKELEEFLMTHKENLMLKDIASPLKTVYKPCFEEYTKKPKLDHNQEIVKYWYNYHIERYWNTPEAKLEFYRKFGQVD
LKQPAILAKFASKIKKNKNYKIYLLPQLVVPTYNAEQLESDVAKEILEYTKLMPEERKELLENILAEVDSDIIDKSLSEI
EVEKIAQELENKIRVRDDKGNSVPISQLNVQKSQLLLWTNYSRKYPVILPYEVPEKFRKIREIPMFIILDSGLLADIQNF
ATNEFRELVKSMYYSLAKKYNSLAKKARSTNEIGLPFLDFRGKEKVITEDLNSDKGIIEVVEQVSSFMKGKELGLAFIAA
RNKLSSEKFEEIKRRLFNLNVISQVVNEDTLKNKRDKYDRNRLDLFVRHNLLFQVLSKLGVKYYVLDYRFNYDYIIGIDV
APMKRSEGYIGGSAVMFDSQGYIRKIVPIKIGEQRGESVDMNEFFKEMVDKFKEFNIKLDNKKILLLRDGRITNNEEEGL
KYISEMFDIEVVTMDVIKNHPVRAFANMKMYFNLGGAIYLIPHKLKQAKGTPIPIKLAKKRIIKNGKVEKQSITRQDVLD
IFILTRLNYGSISADMRLPAPVHYAHKFANAIRNEWKIKEEFLAEGFLYFV
;
_entity_poly.pdbx_strand_id   A
#
# COMPACT_ATOMS: atom_id res chain seq x y z
N SER A 1 -12.76 -23.03 -16.68
CA SER A 1 -13.82 -22.02 -16.35
C SER A 1 -14.19 -21.16 -17.57
N MET A 2 -15.49 -21.09 -17.83
CA MET A 2 -16.02 -20.32 -18.94
C MET A 2 -15.69 -18.83 -18.75
N LYS A 3 -16.56 -17.99 -19.30
CA LYS A 3 -16.44 -16.55 -19.21
C LYS A 3 -17.69 -16.09 -18.47
N ALA A 4 -17.83 -14.78 -18.31
CA ALA A 4 -19.00 -14.26 -17.64
C ALA A 4 -19.12 -12.79 -17.94
N ILE A 5 -20.28 -12.23 -17.62
CA ILE A 5 -20.54 -10.83 -17.85
C ILE A 5 -20.68 -10.17 -16.50
N VAL A 6 -19.86 -9.15 -16.26
CA VAL A 6 -19.93 -8.44 -15.00
C VAL A 6 -20.10 -6.94 -15.22
N VAL A 7 -20.81 -6.31 -14.30
CA VAL A 7 -21.02 -4.87 -14.38
C VAL A 7 -19.79 -4.20 -13.74
N ILE A 8 -19.32 -3.13 -14.36
CA ILE A 8 -18.16 -2.41 -13.86
C ILE A 8 -18.59 -0.95 -13.61
N ASN A 9 -17.78 -0.19 -12.89
CA ASN A 9 -18.17 1.20 -12.59
C ASN A 9 -17.87 2.23 -13.70
N LEU A 10 -18.14 1.82 -14.94
CA LEU A 10 -17.95 2.66 -16.13
C LEU A 10 -19.27 2.89 -16.84
N VAL A 11 -19.48 4.11 -17.31
CA VAL A 11 -20.68 4.47 -18.05
C VAL A 11 -20.22 5.14 -19.34
N LYS A 12 -20.64 4.58 -20.47
CA LYS A 12 -20.24 5.09 -21.78
C LYS A 12 -20.57 6.57 -22.01
N ILE A 13 -19.66 7.25 -22.71
CA ILE A 13 -19.81 8.68 -23.01
C ILE A 13 -20.23 8.89 -24.46
N ASN A 14 -21.10 9.87 -24.70
CA ASN A 14 -21.57 10.14 -26.04
C ASN A 14 -20.53 10.88 -26.87
N LYS A 15 -20.26 10.37 -28.07
CA LYS A 15 -19.26 10.96 -28.95
C LYS A 15 -19.59 12.41 -29.34
N LYS A 16 -20.86 12.77 -29.22
CA LYS A 16 -21.23 14.13 -29.55
C LYS A 16 -20.50 15.09 -28.61
N ILE A 17 -19.77 14.53 -27.64
CA ILE A 17 -19.05 15.37 -26.70
C ILE A 17 -17.69 15.74 -27.25
N ILE A 18 -17.19 14.92 -28.18
CA ILE A 18 -15.89 15.16 -28.78
C ILE A 18 -15.90 16.56 -29.41
N PRO A 19 -14.91 17.39 -29.07
CA PRO A 19 -14.75 18.76 -29.55
C PRO A 19 -14.59 18.94 -31.06
N ASP A 20 -15.15 20.03 -31.57
CA ASP A 20 -15.08 20.37 -32.99
C ASP A 20 -13.67 20.84 -33.35
N LYS A 21 -13.23 21.93 -32.74
CA LYS A 21 -11.90 22.47 -32.99
C LYS A 21 -11.08 22.66 -31.72
N ILE A 22 -9.83 22.19 -31.77
CA ILE A 22 -8.91 22.28 -30.65
C ILE A 22 -7.73 23.18 -31.04
N TYR A 23 -7.38 24.11 -30.15
CA TYR A 23 -6.28 25.03 -30.42
C TYR A 23 -5.05 24.67 -29.59
N VAL A 24 -3.88 24.61 -30.22
CA VAL A 24 -2.64 24.29 -29.50
C VAL A 24 -1.83 25.54 -29.21
N TYR A 25 -1.08 25.49 -28.11
CA TYR A 25 -0.24 26.61 -27.70
C TYR A 25 1.02 26.10 -27.01
N ARG A 26 2.03 26.97 -26.93
CA ARG A 26 3.31 26.65 -26.32
C ARG A 26 3.72 27.77 -25.37
N LEU A 27 4.52 27.44 -24.36
CA LEU A 27 4.96 28.43 -23.38
C LEU A 27 6.47 28.36 -23.14
N TYR A 40 -2.23 29.33 -10.16
CA TYR A 40 -2.63 29.46 -11.56
C TYR A 40 -1.49 29.09 -12.50
N SER A 41 -1.24 27.78 -12.63
CA SER A 41 -0.16 27.30 -13.48
C SER A 41 -0.61 27.02 -14.91
N ILE A 42 0.18 26.21 -15.61
CA ILE A 42 -0.08 25.83 -16.99
C ILE A 42 -1.33 24.96 -17.02
N TYR A 43 -1.55 24.21 -15.94
CA TYR A 43 -2.70 23.33 -15.82
C TYR A 43 -3.98 24.13 -15.60
N ARG A 44 -3.92 25.11 -14.70
CA ARG A 44 -5.08 25.95 -14.43
C ARG A 44 -5.39 26.71 -15.70
N LEU A 45 -4.34 27.09 -16.41
CA LEU A 45 -4.49 27.82 -17.66
C LEU A 45 -5.38 27.03 -18.59
N ALA A 46 -4.88 25.88 -19.03
CA ALA A 46 -5.64 25.01 -19.91
C ALA A 46 -7.03 24.82 -19.35
N TYR A 47 -7.10 24.35 -18.10
CA TYR A 47 -8.39 24.10 -17.46
C TYR A 47 -9.38 25.24 -17.66
N GLU A 48 -9.03 26.42 -17.20
CA GLU A 48 -9.92 27.57 -17.34
C GLU A 48 -10.26 27.78 -18.81
N ASN A 49 -9.33 27.39 -19.68
CA ASN A 49 -9.53 27.50 -21.12
C ASN A 49 -10.24 26.26 -21.67
N VAL A 50 -10.77 25.42 -20.79
CA VAL A 50 -11.46 24.20 -21.21
C VAL A 50 -10.53 23.48 -22.16
N GLY A 51 -9.39 23.04 -21.64
CA GLY A 51 -8.41 22.35 -22.45
C GLY A 51 -7.48 21.58 -21.55
N ILE A 52 -6.48 20.91 -22.12
CA ILE A 52 -5.55 20.13 -21.34
C ILE A 52 -4.09 20.51 -21.55
N VAL A 53 -3.19 19.56 -21.30
CA VAL A 53 -1.76 19.79 -21.45
C VAL A 53 -1.13 18.68 -22.28
N ILE A 54 -0.71 19.02 -23.50
CA ILE A 54 -0.12 18.07 -24.43
C ILE A 54 1.25 17.55 -23.99
N ASP A 55 2.20 18.46 -23.79
CA ASP A 55 3.55 18.08 -23.38
C ASP A 55 3.93 18.75 -22.06
N PRO A 56 4.26 17.95 -21.03
CA PRO A 56 4.66 18.45 -19.72
C PRO A 56 5.78 19.49 -19.77
N GLU A 57 7.01 19.00 -19.90
CA GLU A 57 8.19 19.87 -19.95
C GLU A 57 8.12 21.02 -20.97
N ASN A 58 7.92 20.68 -22.23
CA ASN A 58 7.84 21.69 -23.29
C ASN A 58 6.76 22.74 -23.07
N LEU A 59 5.91 22.54 -22.05
CA LEU A 59 4.85 23.48 -21.75
C LEU A 59 3.92 23.65 -22.95
N ILE A 60 3.32 22.55 -23.39
CA ILE A 60 2.43 22.59 -24.55
C ILE A 60 0.99 22.30 -24.17
N ILE A 61 0.09 23.26 -24.40
CA ILE A 61 -1.31 23.08 -24.07
C ILE A 61 -2.19 22.84 -25.30
N ALA A 62 -3.41 22.34 -25.05
CA ALA A 62 -4.38 22.05 -26.10
C ALA A 62 -5.75 22.43 -25.56
N THR A 63 -6.26 23.57 -26.03
CA THR A 63 -7.54 24.11 -25.58
C THR A 63 -8.65 23.90 -26.59
N THR A 64 -9.90 24.10 -26.16
CA THR A 64 -11.06 23.97 -27.05
C THR A 64 -11.77 25.33 -27.09
N LYS A 65 -11.03 26.36 -26.74
CA LYS A 65 -11.53 27.74 -26.74
C LYS A 65 -10.33 28.60 -27.08
N GLU A 66 -10.58 29.85 -27.50
CA GLU A 66 -9.48 30.75 -27.84
C GLU A 66 -8.76 31.16 -26.55
N LEU A 67 -7.54 30.65 -26.40
CA LEU A 67 -6.71 30.91 -25.22
C LEU A 67 -6.63 32.36 -24.76
N GLU A 68 -7.12 32.61 -23.55
CA GLU A 68 -7.07 33.94 -22.97
C GLU A 68 -5.95 33.92 -21.94
N TYR A 69 -4.80 34.47 -22.31
CA TYR A 69 -3.64 34.49 -21.44
C TYR A 69 -2.57 35.42 -22.03
N GLU A 70 -2.63 36.70 -21.66
CA GLU A 70 -1.67 37.68 -22.15
C GLU A 70 -0.29 37.36 -21.60
N GLY A 71 0.37 36.36 -22.20
CA GLY A 71 1.69 35.98 -21.73
C GLY A 71 2.56 35.28 -22.76
N GLU A 72 3.73 34.84 -22.30
CA GLU A 72 4.73 34.16 -23.12
C GLU A 72 4.22 32.87 -23.77
N PHE A 73 3.39 33.01 -24.81
CA PHE A 73 2.87 31.83 -25.50
C PHE A 73 2.97 31.96 -27.03
N ILE A 74 3.11 30.82 -27.69
CA ILE A 74 3.20 30.78 -29.14
C ILE A 74 2.09 29.92 -29.74
N PRO A 75 1.14 30.55 -30.43
CA PRO A 75 0.04 29.79 -31.04
C PRO A 75 0.55 28.84 -32.13
N GLU A 76 0.70 27.57 -31.76
CA GLU A 76 1.16 26.57 -32.72
C GLU A 76 0.17 26.37 -33.86
N GLY A 77 -1.13 26.31 -33.53
CA GLY A 77 -2.15 26.14 -34.55
C GLY A 77 -3.15 25.04 -34.24
N GLU A 78 -4.37 25.20 -34.75
CA GLU A 78 -5.45 24.23 -34.53
C GLU A 78 -5.02 22.77 -34.73
N ILE A 79 -5.72 21.87 -34.04
CA ILE A 79 -5.45 20.44 -34.12
C ILE A 79 -6.79 19.70 -34.11
N SER A 80 -6.82 18.50 -34.66
CA SER A 80 -8.05 17.72 -34.69
C SER A 80 -7.97 16.59 -33.65
N PHE A 81 -9.07 16.42 -32.92
CA PHE A 81 -9.14 15.41 -31.86
C PHE A 81 -8.45 14.08 -32.17
N SER A 82 -8.67 13.56 -33.37
CA SER A 82 -8.08 12.29 -33.78
C SER A 82 -6.56 12.30 -33.71
N GLU A 83 -5.98 13.49 -33.63
CA GLU A 83 -4.52 13.63 -33.58
C GLU A 83 -3.90 13.43 -32.21
N LEU A 84 -4.62 13.80 -31.15
CA LEU A 84 -4.13 13.64 -29.78
C LEU A 84 -4.02 12.15 -29.46
N ARG A 85 -3.00 11.77 -28.67
CA ARG A 85 -2.84 10.37 -28.30
C ARG A 85 -4.01 10.05 -27.38
N ASN A 86 -4.33 8.76 -27.25
CA ASN A 86 -5.44 8.33 -26.42
C ASN A 86 -5.57 9.04 -25.07
N ASP A 87 -4.50 9.00 -24.29
CA ASP A 87 -4.46 9.63 -22.97
C ASP A 87 -5.03 11.04 -23.00
N TYR A 88 -4.58 11.83 -23.98
CA TYR A 88 -5.02 13.22 -24.10
C TYR A 88 -6.45 13.37 -24.57
N GLN A 89 -6.91 12.40 -25.36
CA GLN A 89 -8.27 12.41 -25.85
C GLN A 89 -9.13 12.21 -24.60
N SER A 90 -8.74 11.20 -23.81
CA SER A 90 -9.45 10.88 -22.57
C SER A 90 -9.36 12.04 -21.58
N LYS A 91 -8.17 12.61 -21.43
CA LYS A 91 -8.01 13.73 -20.52
C LYS A 91 -8.82 14.88 -21.04
N LEU A 92 -8.80 15.08 -22.35
CA LEU A 92 -9.58 16.16 -22.93
C LEU A 92 -11.08 15.90 -22.75
N VAL A 93 -11.50 14.64 -22.98
CA VAL A 93 -12.91 14.29 -22.82
C VAL A 93 -13.31 14.53 -21.37
N LEU A 94 -12.45 14.15 -20.44
CA LEU A 94 -12.73 14.37 -19.02
C LEU A 94 -13.01 15.86 -18.78
N ARG A 95 -12.08 16.72 -19.20
CA ARG A 95 -12.27 18.15 -19.01
C ARG A 95 -13.61 18.60 -19.59
N LEU A 96 -14.00 18.01 -20.71
CA LEU A 96 -15.25 18.38 -21.36
C LEU A 96 -16.48 17.86 -20.62
N LEU A 97 -16.35 16.73 -19.92
CA LEU A 97 -17.47 16.22 -19.16
C LEU A 97 -17.76 17.24 -18.07
N LYS A 98 -16.70 17.76 -17.47
CA LYS A 98 -16.84 18.74 -16.41
C LYS A 98 -17.65 19.95 -16.86
N GLU A 99 -17.38 20.44 -18.06
CA GLU A 99 -18.10 21.60 -18.58
C GLU A 99 -19.59 21.36 -18.73
N ASN A 100 -19.99 20.09 -18.84
CA ASN A 100 -21.41 19.77 -18.97
C ASN A 100 -21.98 19.49 -17.59
N GLY A 101 -21.21 19.83 -16.56
CA GLY A 101 -21.66 19.62 -15.19
C GLY A 101 -21.39 18.25 -14.63
N ILE A 102 -20.66 17.42 -15.36
CA ILE A 102 -20.34 16.07 -14.90
C ILE A 102 -18.92 16.03 -14.37
N GLY A 103 -18.76 16.43 -13.11
CA GLY A 103 -17.46 16.44 -12.47
C GLY A 103 -17.51 15.92 -11.05
N GLU A 104 -16.35 15.63 -10.48
CA GLU A 104 -16.24 15.13 -9.12
C GLU A 104 -16.99 15.96 -8.07
N TYR A 105 -16.94 17.28 -8.21
CA TYR A 105 -17.63 18.13 -7.26
C TYR A 105 -19.11 17.77 -7.27
N GLU A 106 -19.73 17.88 -8.43
CA GLU A 106 -21.16 17.60 -8.59
C GLU A 106 -21.58 16.17 -8.25
N LEU A 107 -20.95 15.18 -8.88
CA LEU A 107 -21.32 13.79 -8.61
C LEU A 107 -21.08 13.39 -7.16
N SER A 108 -20.08 14.01 -6.53
CA SER A 108 -19.78 13.70 -5.13
C SER A 108 -20.95 14.17 -4.29
N LYS A 109 -21.55 15.28 -4.68
CA LYS A 109 -22.69 15.82 -3.96
C LYS A 109 -23.92 14.96 -4.19
N LEU A 110 -24.04 14.40 -5.39
CA LEU A 110 -25.15 13.52 -5.68
C LEU A 110 -24.97 12.26 -4.82
N LEU A 111 -23.75 11.73 -4.77
CA LEU A 111 -23.45 10.54 -3.97
C LEU A 111 -23.91 10.74 -2.54
N ARG A 112 -23.49 11.85 -1.95
CA ARG A 112 -23.85 12.12 -0.56
C ARG A 112 -25.35 12.28 -0.30
N LYS A 113 -26.15 12.18 -1.35
CA LYS A 113 -27.59 12.27 -1.18
C LYS A 113 -28.10 10.91 -0.73
N PHE A 114 -27.33 9.87 -1.02
CA PHE A 114 -27.69 8.50 -0.71
C PHE A 114 -26.76 7.85 0.30
N ARG A 115 -25.53 8.35 0.35
CA ARG A 115 -24.51 7.86 1.24
C ARG A 115 -24.01 9.10 1.94
N LYS A 116 -24.60 9.39 3.10
CA LYS A 116 -24.28 10.57 3.87
C LYS A 116 -23.04 10.43 4.75
N PRO A 117 -22.40 11.56 5.07
CA PRO A 117 -21.20 11.55 5.92
C PRO A 117 -21.58 11.03 7.29
N LYS A 118 -20.77 10.14 7.82
CA LYS A 118 -21.03 9.59 9.13
C LYS A 118 -19.90 9.96 10.06
N THR A 119 -20.26 10.33 11.28
CA THR A 119 -19.27 10.68 12.28
C THR A 119 -19.00 9.53 13.23
N PHE A 120 -17.72 9.30 13.51
CA PHE A 120 -17.31 8.25 14.44
C PHE A 120 -16.31 8.94 15.36
N GLY A 121 -16.62 8.99 16.65
CA GLY A 121 -15.72 9.65 17.59
C GLY A 121 -15.49 11.07 17.13
N ASP A 122 -14.24 11.50 17.11
CA ASP A 122 -13.95 12.86 16.69
C ASP A 122 -13.78 12.96 15.19
N TYR A 123 -14.06 11.87 14.49
CA TYR A 123 -13.85 11.88 13.05
C TYR A 123 -15.10 11.78 12.20
N LYS A 124 -15.01 12.29 10.99
CA LYS A 124 -16.13 12.23 10.06
C LYS A 124 -15.65 11.49 8.81
N VAL A 125 -16.50 10.60 8.29
CA VAL A 125 -16.18 9.85 7.10
C VAL A 125 -17.00 10.52 6.00
N ILE A 126 -16.30 11.07 5.02
CA ILE A 126 -16.93 11.79 3.92
C ILE A 126 -16.87 11.04 2.60
N PRO A 127 -18.02 10.62 2.07
CA PRO A 127 -18.02 9.90 0.79
C PRO A 127 -17.97 10.88 -0.36
N SER A 128 -17.31 10.50 -1.44
CA SER A 128 -17.22 11.33 -2.63
C SER A 128 -16.84 10.37 -3.73
N VAL A 129 -16.83 10.82 -4.97
CA VAL A 129 -16.40 9.93 -6.06
C VAL A 129 -15.17 10.51 -6.74
N GLU A 130 -14.37 9.58 -7.24
CA GLU A 130 -13.14 9.85 -7.97
C GLU A 130 -13.52 9.52 -9.42
N MET A 131 -13.34 10.47 -10.33
CA MET A 131 -13.69 10.26 -11.73
C MET A 131 -12.55 10.35 -12.70
N SER A 132 -12.59 9.50 -13.72
CA SER A 132 -11.57 9.48 -14.74
C SER A 132 -12.17 8.95 -16.02
N VAL A 133 -11.49 9.14 -17.15
CA VAL A 133 -11.98 8.65 -18.42
C VAL A 133 -11.06 7.59 -18.98
N ILE A 134 -11.65 6.55 -19.55
CA ILE A 134 -10.86 5.48 -20.13
C ILE A 134 -11.32 5.24 -21.56
N LYS A 135 -10.37 5.28 -22.49
CA LYS A 135 -10.74 5.01 -23.86
C LYS A 135 -10.60 3.50 -24.05
N HIS A 136 -11.68 2.87 -24.48
CA HIS A 136 -11.69 1.44 -24.72
C HIS A 136 -12.19 1.21 -26.12
N ASP A 137 -11.33 0.69 -26.99
CA ASP A 137 -11.76 0.41 -28.35
C ASP A 137 -12.61 1.53 -28.94
N GLU A 138 -11.95 2.54 -29.49
CA GLU A 138 -12.63 3.68 -30.11
C GLU A 138 -13.71 4.40 -29.29
N ASP A 139 -14.03 3.90 -28.11
CA ASP A 139 -15.04 4.53 -27.27
C ASP A 139 -14.48 5.03 -25.94
N PHE A 140 -15.07 6.12 -25.42
CA PHE A 140 -14.65 6.70 -24.16
C PHE A 140 -15.68 6.38 -23.06
N TYR A 141 -15.16 6.00 -21.89
CA TYR A 141 -15.97 5.67 -20.74
C TYR A 141 -15.58 6.47 -19.51
N LEU A 142 -16.58 6.84 -18.72
CA LEU A 142 -16.33 7.59 -17.50
C LEU A 142 -16.36 6.60 -16.37
N VAL A 143 -15.28 6.57 -15.61
CA VAL A 143 -15.18 5.69 -14.47
C VAL A 143 -15.60 6.53 -13.26
N ILE A 144 -16.60 6.05 -12.53
CA ILE A 144 -17.08 6.74 -11.34
C ILE A 144 -16.79 5.77 -10.20
N HIS A 145 -15.80 6.11 -9.38
CA HIS A 145 -15.36 5.28 -8.26
C HIS A 145 -15.60 5.94 -6.90
N ILE A 146 -16.36 5.26 -6.06
CA ILE A 146 -16.70 5.76 -4.73
C ILE A 146 -15.57 5.63 -3.73
N ILE A 147 -15.24 6.75 -3.09
CA ILE A 147 -14.17 6.77 -2.10
C ILE A 147 -14.57 7.52 -0.84
N HIS A 148 -13.70 7.45 0.17
CA HIS A 148 -13.99 8.14 1.42
C HIS A 148 -12.77 8.84 2.01
N GLN A 149 -13.05 9.92 2.72
CA GLN A 149 -12.02 10.69 3.39
C GLN A 149 -12.44 10.64 4.86
N ILE A 150 -11.46 10.55 5.75
CA ILE A 150 -11.74 10.55 7.17
C ILE A 150 -11.11 11.85 7.68
N GLN A 151 -11.95 12.82 7.99
CA GLN A 151 -11.48 14.10 8.46
C GLN A 151 -11.85 14.33 9.91
N SER A 152 -10.86 14.75 10.69
CA SER A 152 -11.05 15.04 12.10
C SER A 152 -11.99 16.22 12.30
N MET A 153 -12.88 16.09 13.27
CA MET A 153 -13.83 17.17 13.56
C MET A 153 -13.20 18.21 14.48
N LYS A 154 -12.11 17.85 15.13
CA LYS A 154 -11.42 18.77 16.01
C LYS A 154 -10.11 19.19 15.34
N THR A 155 -9.67 20.41 15.62
CA THR A 155 -8.43 20.89 15.04
C THR A 155 -7.29 20.06 15.62
N LEU A 156 -6.17 20.03 14.93
CA LEU A 156 -5.03 19.27 15.41
C LEU A 156 -4.64 19.72 16.82
N TRP A 157 -4.54 21.03 17.06
CA TRP A 157 -4.15 21.53 18.37
C TRP A 157 -5.12 21.02 19.45
N GLU A 158 -6.42 21.17 19.21
CA GLU A 158 -7.41 20.71 20.18
C GLU A 158 -7.24 19.20 20.35
N LEU A 159 -7.18 18.50 19.23
CA LEU A 159 -7.04 17.05 19.23
C LEU A 159 -5.93 16.56 20.16
N VAL A 160 -4.81 17.27 20.22
CA VAL A 160 -3.72 16.82 21.09
C VAL A 160 -3.68 17.55 22.42
N ASN A 161 -4.82 18.11 22.82
CA ASN A 161 -4.92 18.81 24.09
C ASN A 161 -3.82 19.85 24.27
N LYS A 162 -3.65 20.67 23.24
CA LYS A 162 -2.67 21.75 23.23
C LYS A 162 -1.35 21.43 23.91
N ASP A 163 -0.87 20.20 23.81
CA ASP A 163 0.40 19.84 24.42
C ASP A 163 1.45 19.66 23.33
N PRO A 164 2.51 20.48 23.36
CA PRO A 164 3.60 20.42 22.38
C PRO A 164 4.16 19.02 22.18
N LYS A 165 4.40 18.31 23.28
CA LYS A 165 4.92 16.96 23.22
C LYS A 165 3.90 16.04 22.54
N GLU A 166 2.68 16.04 23.05
CA GLU A 166 1.61 15.21 22.50
C GLU A 166 1.43 15.51 21.01
N LEU A 167 1.69 16.76 20.62
CA LEU A 167 1.56 17.15 19.22
C LEU A 167 2.65 16.47 18.41
N GLU A 168 3.89 16.66 18.79
CA GLU A 168 4.97 16.02 18.05
C GLU A 168 4.73 14.50 18.07
N GLU A 169 4.10 14.02 19.14
CA GLU A 169 3.81 12.61 19.26
C GLU A 169 2.84 12.18 18.17
N PHE A 170 1.97 13.11 17.76
CA PHE A 170 0.97 12.83 16.73
C PHE A 170 1.59 12.74 15.33
N LEU A 171 2.26 13.80 14.89
CA LEU A 171 2.86 13.80 13.56
C LEU A 171 3.73 12.57 13.31
N MET A 172 4.37 12.08 14.37
CA MET A 172 5.26 10.93 14.25
C MET A 172 4.57 9.61 13.94
N THR A 173 3.62 9.22 14.78
CA THR A 173 2.91 7.97 14.58
C THR A 173 2.13 7.96 13.26
N HIS A 174 1.34 9.01 13.03
CA HIS A 174 0.53 9.12 11.82
C HIS A 174 1.29 9.68 10.63
N LYS A 175 2.62 9.76 10.73
CA LYS A 175 3.43 10.34 9.66
C LYS A 175 3.19 9.85 8.24
N GLU A 176 3.00 8.54 8.08
CA GLU A 176 2.81 7.93 6.76
C GLU A 176 1.56 8.28 5.97
N ASN A 177 0.48 8.59 6.66
CA ASN A 177 -0.77 8.90 5.98
C ASN A 177 -1.38 10.26 6.35
N LEU A 178 -0.89 10.89 7.40
CA LEU A 178 -1.43 12.16 7.83
C LEU A 178 -1.35 13.28 6.81
N MET A 179 -2.46 13.99 6.72
CA MET A 179 -2.60 15.14 5.87
C MET A 179 -3.29 16.15 6.78
N LEU A 180 -3.14 17.42 6.48
CA LEU A 180 -3.76 18.44 7.29
C LEU A 180 -4.47 19.40 6.39
N LYS A 181 -5.75 19.60 6.68
CA LYS A 181 -6.59 20.51 5.91
C LYS A 181 -6.68 21.83 6.67
N ASP A 182 -6.44 22.94 5.98
CA ASP A 182 -6.52 24.24 6.61
C ASP A 182 -7.98 24.68 6.58
N ILE A 183 -8.72 24.31 7.62
CA ILE A 183 -10.12 24.68 7.70
C ILE A 183 -10.30 26.18 7.92
N ALA A 184 -9.19 26.90 8.11
CA ALA A 184 -9.26 28.34 8.33
C ALA A 184 -9.07 29.06 7.00
N SER A 185 -8.86 28.29 5.95
CA SER A 185 -8.67 28.84 4.62
C SER A 185 -9.92 28.63 3.80
N PRO A 186 -10.39 29.67 3.11
CA PRO A 186 -11.59 29.54 2.29
C PRO A 186 -11.39 28.49 1.21
N LEU A 187 -10.12 28.17 0.94
CA LEU A 187 -9.81 27.16 -0.07
C LEU A 187 -9.68 25.74 0.52
N LYS A 188 -9.68 25.65 1.84
CA LYS A 188 -9.56 24.36 2.54
C LYS A 188 -8.39 23.54 2.04
N THR A 189 -7.33 24.21 1.60
CA THR A 189 -6.15 23.54 1.08
C THR A 189 -5.63 22.45 2.02
N VAL A 190 -5.26 21.31 1.43
CA VAL A 190 -4.73 20.17 2.17
C VAL A 190 -3.20 20.15 2.05
N TYR A 191 -2.54 19.88 3.17
CA TYR A 191 -1.08 19.86 3.20
C TYR A 191 -0.52 18.54 3.76
N LYS A 192 0.79 18.38 3.63
CA LYS A 192 1.48 17.20 4.15
C LYS A 192 2.59 17.69 5.08
N PRO A 193 2.53 17.29 6.36
CA PRO A 193 3.59 17.76 7.26
C PRO A 193 4.99 17.32 6.82
N CYS A 194 5.98 18.19 7.03
CA CYS A 194 7.36 17.89 6.67
C CYS A 194 8.08 17.19 7.82
N PHE A 195 9.01 16.31 7.47
CA PHE A 195 9.76 15.58 8.47
C PHE A 195 11.23 15.62 8.09
N GLU A 196 12.09 15.79 9.10
CA GLU A 196 13.52 15.83 8.85
C GLU A 196 13.96 14.55 8.15
N GLU A 197 14.24 14.65 6.85
CA GLU A 197 14.66 13.52 6.04
C GLU A 197 15.32 12.41 6.84
N TYR A 198 14.92 11.18 6.55
CA TYR A 198 15.45 10.00 7.23
C TYR A 198 15.14 9.99 8.73
N THR A 199 14.05 10.65 9.12
CA THR A 199 13.67 10.70 10.53
C THR A 199 12.15 10.74 10.74
N LYS A 200 11.74 10.40 11.95
CA LYS A 200 10.33 10.41 12.32
C LYS A 200 10.09 11.77 12.99
N LYS A 201 11.16 12.56 13.03
CA LYS A 201 11.17 13.89 13.62
C LYS A 201 10.55 14.94 12.70
N PRO A 202 9.36 15.45 13.07
CA PRO A 202 8.61 16.46 12.31
C PRO A 202 9.21 17.88 12.45
N LYS A 203 9.34 18.57 11.31
CA LYS A 203 9.87 19.93 11.29
C LYS A 203 8.98 20.90 12.07
N LEU A 204 9.54 21.44 13.16
CA LEU A 204 8.81 22.37 14.01
C LEU A 204 9.60 23.63 14.40
N ASP A 205 8.91 24.59 15.00
CA ASP A 205 9.48 25.85 15.45
C ASP A 205 8.53 26.41 16.49
N HIS A 206 9.04 26.73 17.67
CA HIS A 206 8.16 27.30 18.69
C HIS A 206 8.15 28.83 18.65
N ASN A 207 8.90 29.38 17.70
CA ASN A 207 8.99 30.82 17.51
C ASN A 207 7.62 31.48 17.36
N GLN A 208 7.14 32.09 18.44
CA GLN A 208 5.83 32.75 18.46
C GLN A 208 5.68 33.77 17.35
N GLU A 209 6.81 34.27 16.83
CA GLU A 209 6.73 35.25 15.77
C GLU A 209 6.17 34.61 14.52
N ILE A 210 6.48 33.33 14.33
CA ILE A 210 5.99 32.57 13.15
C ILE A 210 4.51 32.27 13.33
N VAL A 211 4.14 31.89 14.56
CA VAL A 211 2.76 31.57 14.89
C VAL A 211 1.88 32.79 14.70
N LYS A 212 2.29 33.92 15.27
CA LYS A 212 1.54 35.16 15.16
C LYS A 212 1.36 35.61 13.72
N TYR A 213 2.47 35.73 13.00
CA TYR A 213 2.42 36.16 11.61
C TYR A 213 1.36 35.40 10.82
N TRP A 214 1.53 34.09 10.73
CA TRP A 214 0.61 33.26 9.96
C TRP A 214 -0.83 33.15 10.47
N TYR A 215 -1.03 33.32 11.77
CA TYR A 215 -2.38 33.29 12.32
C TYR A 215 -3.01 34.58 11.80
N ASN A 216 -2.22 35.65 11.90
CA ASN A 216 -2.64 36.95 11.45
C ASN A 216 -2.83 36.95 9.95
N TYR A 217 -1.95 36.25 9.26
CA TYR A 217 -2.07 36.18 7.81
C TYR A 217 -3.49 35.79 7.41
N HIS A 218 -4.03 34.74 8.04
CA HIS A 218 -5.38 34.26 7.74
C HIS A 218 -6.48 35.30 7.90
N ILE A 219 -6.50 35.99 9.03
CA ILE A 219 -7.53 36.98 9.25
C ILE A 219 -7.43 38.12 8.25
N GLU A 220 -6.22 38.67 8.11
CA GLU A 220 -5.99 39.77 7.19
C GLU A 220 -6.30 39.39 5.74
N ARG A 221 -5.92 38.17 5.38
CA ARG A 221 -6.08 37.65 4.02
C ARG A 221 -7.45 37.08 3.63
N TYR A 222 -8.24 36.62 4.60
CA TYR A 222 -9.53 36.04 4.24
C TYR A 222 -10.75 36.45 5.06
N TRP A 223 -10.55 36.99 6.26
CA TRP A 223 -11.69 37.39 7.09
C TRP A 223 -11.56 38.81 7.58
N ASN A 224 -11.20 39.70 6.66
CA ASN A 224 -10.97 41.12 6.95
C ASN A 224 -12.15 41.94 7.50
N THR A 225 -13.31 41.33 7.70
CA THR A 225 -14.47 42.08 8.21
C THR A 225 -14.76 41.76 9.67
N PRO A 226 -15.43 42.70 10.37
CA PRO A 226 -15.78 42.51 11.79
C PRO A 226 -16.55 41.23 12.09
N GLU A 227 -17.56 40.92 11.30
CA GLU A 227 -18.34 39.71 11.53
C GLU A 227 -17.48 38.49 11.23
N ALA A 228 -16.77 38.55 10.11
CA ALA A 228 -15.89 37.47 9.70
C ALA A 228 -14.88 37.19 10.81
N LYS A 229 -14.34 38.26 11.39
CA LYS A 229 -13.38 38.16 12.48
C LYS A 229 -14.05 37.59 13.71
N LEU A 230 -15.30 37.97 13.93
CA LEU A 230 -16.05 37.48 15.08
C LEU A 230 -16.11 35.97 14.94
N GLU A 231 -16.57 35.52 13.78
CA GLU A 231 -16.68 34.11 13.44
C GLU A 231 -15.36 33.37 13.67
N PHE A 232 -14.29 33.96 13.17
CA PHE A 232 -12.95 33.40 13.29
C PHE A 232 -12.57 33.12 14.73
N TYR A 233 -12.69 34.13 15.58
CA TYR A 233 -12.35 33.96 16.99
C TYR A 233 -13.37 33.05 17.67
N ARG A 234 -14.60 33.05 17.19
CA ARG A 234 -15.62 32.18 17.76
C ARG A 234 -15.20 30.75 17.42
N LYS A 235 -14.80 30.56 16.17
CA LYS A 235 -14.41 29.25 15.67
C LYS A 235 -13.03 28.77 16.11
N PHE A 236 -12.02 29.62 15.97
CA PHE A 236 -10.66 29.22 16.32
C PHE A 236 -10.10 29.77 17.63
N GLY A 237 -10.64 30.90 18.09
CA GLY A 237 -10.15 31.53 19.31
C GLY A 237 -8.85 32.30 19.12
N GLN A 238 -8.35 32.90 20.19
CA GLN A 238 -7.11 33.67 20.10
C GLN A 238 -5.98 32.78 19.62
N VAL A 239 -4.82 33.39 19.46
CA VAL A 239 -3.62 32.68 19.01
C VAL A 239 -2.92 32.06 20.20
N ASP A 240 -2.88 30.73 20.23
CA ASP A 240 -2.22 30.04 21.32
C ASP A 240 -0.73 30.11 20.99
N LEU A 241 -0.04 31.08 21.55
CA LEU A 241 1.39 31.25 21.30
C LEU A 241 2.20 30.06 21.76
N LYS A 242 1.56 29.18 22.53
CA LYS A 242 2.24 27.99 23.03
C LYS A 242 2.34 26.85 22.03
N GLN A 243 1.73 27.03 20.87
CA GLN A 243 1.76 26.01 19.83
C GLN A 243 2.93 26.25 18.89
N PRO A 244 3.58 25.18 18.44
CA PRO A 244 4.70 25.34 17.53
C PRO A 244 4.09 25.44 16.15
N ALA A 245 4.85 25.96 15.19
CA ALA A 245 4.38 26.05 13.82
C ALA A 245 4.86 24.78 13.13
N ILE A 246 4.03 24.22 12.26
CA ILE A 246 4.37 22.99 11.53
C ILE A 246 4.75 23.33 10.09
N LEU A 247 5.96 22.94 9.70
CA LEU A 247 6.45 23.20 8.35
C LEU A 247 5.82 22.16 7.42
N ALA A 248 5.24 22.63 6.32
CA ALA A 248 4.60 21.71 5.39
C ALA A 248 4.63 22.11 3.93
N LYS A 249 4.36 21.13 3.08
CA LYS A 249 4.31 21.32 1.63
C LYS A 249 2.90 20.91 1.19
N PHE A 250 2.45 21.43 0.06
CA PHE A 250 1.12 21.09 -0.44
C PHE A 250 1.06 19.59 -0.63
N ALA A 251 -0.14 19.02 -0.51
CA ALA A 251 -0.30 17.59 -0.68
C ALA A 251 -0.65 17.28 -2.13
N SER A 252 -1.24 18.27 -2.80
CA SER A 252 -1.67 18.16 -4.19
C SER A 252 -0.58 17.80 -5.21
N LYS A 253 -0.84 18.15 -6.47
CA LYS A 253 0.07 17.90 -7.59
C LYS A 253 0.14 16.40 -7.92
N ASN A 259 11.12 22.15 -2.00
CA ASN A 259 10.79 22.77 -3.28
C ASN A 259 9.90 23.99 -3.05
N TYR A 260 9.25 24.02 -1.90
CA TYR A 260 8.36 25.11 -1.49
C TYR A 260 7.67 24.69 -0.19
N LYS A 261 7.86 25.46 0.87
CA LYS A 261 7.25 25.13 2.15
C LYS A 261 6.35 26.21 2.74
N ILE A 262 5.30 25.76 3.41
CA ILE A 262 4.32 26.64 4.04
C ILE A 262 4.33 26.33 5.54
N TYR A 263 3.86 27.29 6.32
CA TYR A 263 3.76 27.11 7.76
C TYR A 263 2.30 26.88 8.11
N LEU A 264 2.06 25.88 8.94
CA LEU A 264 0.71 25.58 9.38
C LEU A 264 0.67 25.71 10.88
N LEU A 265 -0.51 26.10 11.38
CA LEU A 265 -0.75 26.25 12.80
C LEU A 265 -1.73 25.15 13.20
N PRO A 266 -1.32 24.23 14.07
CA PRO A 266 -2.20 23.14 14.51
C PRO A 266 -3.59 23.61 14.92
N GLN A 267 -3.63 24.80 15.50
CA GLN A 267 -4.89 25.39 15.94
C GLN A 267 -5.83 25.68 14.79
N LEU A 268 -5.30 25.70 13.57
CA LEU A 268 -6.13 25.99 12.41
C LEU A 268 -6.23 24.85 11.38
N VAL A 269 -5.58 23.71 11.63
CA VAL A 269 -5.66 22.60 10.70
C VAL A 269 -6.24 21.35 11.33
N VAL A 270 -7.04 20.61 10.55
CA VAL A 270 -7.63 19.37 11.03
C VAL A 270 -6.96 18.23 10.29
N PRO A 271 -6.68 17.13 11.00
CA PRO A 271 -6.03 16.04 10.26
C PRO A 271 -7.00 15.28 9.35
N THR A 272 -6.54 14.93 8.15
CA THR A 272 -7.36 14.21 7.19
C THR A 272 -6.64 12.97 6.69
N TYR A 273 -7.42 12.07 6.08
CA TYR A 273 -6.91 10.81 5.57
C TYR A 273 -7.74 10.29 4.39
N ASN A 274 -7.09 9.59 3.46
CA ASN A 274 -7.78 8.94 2.34
C ASN A 274 -8.07 7.55 2.91
N ALA A 275 -9.35 7.25 3.13
CA ALA A 275 -9.77 5.97 3.72
C ALA A 275 -9.12 4.78 3.04
N GLU A 276 -9.26 4.74 1.72
CA GLU A 276 -8.72 3.65 0.91
C GLU A 276 -7.21 3.49 1.06
N GLN A 277 -6.51 4.60 1.28
CA GLN A 277 -5.07 4.58 1.43
C GLN A 277 -4.60 3.96 2.74
N LEU A 278 -5.45 4.04 3.77
CA LEU A 278 -5.08 3.48 5.07
C LEU A 278 -5.17 1.97 5.04
N ALA A 283 -9.88 1.35 11.65
CA ALA A 283 -10.63 1.38 12.90
C ALA A 283 -12.01 0.75 12.75
N LYS A 284 -12.12 -0.52 13.11
CA LYS A 284 -13.35 -1.31 13.04
C LYS A 284 -14.57 -0.50 12.64
N GLU A 285 -15.07 0.32 13.57
CA GLU A 285 -16.24 1.16 13.30
C GLU A 285 -16.22 1.78 11.90
N ILE A 286 -15.23 2.63 11.66
CA ILE A 286 -15.09 3.31 10.38
C ILE A 286 -15.03 2.33 9.22
N LEU A 287 -14.08 1.41 9.29
CA LEU A 287 -13.91 0.38 8.27
C LEU A 287 -15.24 -0.24 7.85
N GLU A 288 -16.11 -0.50 8.81
CA GLU A 288 -17.40 -1.11 8.51
C GLU A 288 -18.32 -0.19 7.72
N TYR A 289 -17.90 1.06 7.55
CA TYR A 289 -18.71 2.03 6.80
C TYR A 289 -18.11 2.33 5.43
N THR A 290 -16.78 2.28 5.34
CA THR A 290 -16.09 2.56 4.10
C THR A 290 -16.04 1.38 3.13
N LYS A 291 -16.17 0.17 3.67
CA LYS A 291 -16.18 -1.03 2.86
C LYS A 291 -17.61 -1.17 2.37
N LEU A 292 -17.80 -1.26 1.07
CA LEU A 292 -19.13 -1.37 0.50
C LEU A 292 -19.23 -2.66 -0.30
N MET A 293 -20.36 -3.35 -0.20
CA MET A 293 -20.55 -4.59 -0.96
C MET A 293 -20.66 -4.23 -2.45
N PRO A 294 -20.41 -5.22 -3.34
CA PRO A 294 -20.52 -4.89 -4.77
C PRO A 294 -21.87 -4.38 -5.20
N GLU A 295 -22.94 -4.85 -4.56
CA GLU A 295 -24.28 -4.40 -4.89
C GLU A 295 -24.54 -3.00 -4.35
N GLU A 296 -23.92 -2.68 -3.21
CA GLU A 296 -24.11 -1.36 -2.65
C GLU A 296 -23.45 -0.30 -3.54
N ARG A 297 -22.26 -0.61 -4.09
CA ARG A 297 -21.56 0.32 -4.97
C ARG A 297 -22.36 0.43 -6.26
N LYS A 298 -22.82 -0.72 -6.77
CA LYS A 298 -23.59 -0.74 -8.02
C LYS A 298 -24.79 0.19 -7.89
N GLU A 299 -25.55 -0.02 -6.83
CA GLU A 299 -26.74 0.79 -6.55
C GLU A 299 -26.46 2.28 -6.40
N LEU A 300 -25.50 2.63 -5.55
CA LEU A 300 -25.18 4.04 -5.33
C LEU A 300 -24.80 4.74 -6.63
N LEU A 301 -24.10 4.04 -7.51
CA LEU A 301 -23.73 4.64 -8.77
C LEU A 301 -24.98 4.85 -9.61
N GLU A 302 -25.86 3.86 -9.60
CA GLU A 302 -27.10 3.97 -10.36
C GLU A 302 -27.92 5.14 -9.79
N ASN A 303 -27.92 5.32 -8.47
CA ASN A 303 -28.66 6.42 -7.87
C ASN A 303 -28.10 7.74 -8.37
N ILE A 304 -26.77 7.83 -8.46
CA ILE A 304 -26.15 9.06 -8.93
C ILE A 304 -26.51 9.32 -10.38
N LEU A 305 -26.40 8.29 -11.21
CA LEU A 305 -26.71 8.43 -12.63
C LEU A 305 -28.13 8.93 -12.86
N ALA A 306 -29.09 8.30 -12.19
CA ALA A 306 -30.48 8.69 -12.34
C ALA A 306 -30.73 10.10 -11.83
N GLU A 307 -29.75 10.67 -11.15
CA GLU A 307 -29.89 12.02 -10.62
C GLU A 307 -29.16 12.99 -11.55
N VAL A 308 -28.35 12.43 -12.45
CA VAL A 308 -27.60 13.20 -13.43
C VAL A 308 -28.55 13.59 -14.56
N ASP A 309 -28.71 14.89 -14.79
CA ASP A 309 -29.60 15.36 -15.83
C ASP A 309 -28.88 15.67 -17.14
N SER A 310 -28.49 14.62 -17.86
CA SER A 310 -27.79 14.77 -19.13
C SER A 310 -27.67 13.45 -19.88
N ASP A 311 -27.94 13.50 -21.18
CA ASP A 311 -27.85 12.31 -22.00
C ASP A 311 -26.46 12.25 -22.61
N ILE A 312 -25.55 13.06 -22.07
CA ILE A 312 -24.16 13.09 -22.54
C ILE A 312 -23.44 11.84 -22.08
N ILE A 313 -24.07 11.07 -21.19
CA ILE A 313 -23.53 9.81 -20.68
C ILE A 313 -24.69 8.80 -20.51
N ASP A 314 -24.38 7.51 -20.61
CA ASP A 314 -25.39 6.48 -20.48
C ASP A 314 -26.10 6.52 -19.13
N LYS A 315 -27.31 5.99 -19.11
CA LYS A 315 -28.13 5.97 -17.91
C LYS A 315 -27.72 4.79 -17.03
N SER A 316 -27.15 3.77 -17.65
CA SER A 316 -26.73 2.59 -16.91
C SER A 316 -25.23 2.23 -16.96
N LEU A 317 -24.84 1.43 -15.97
CA LEU A 317 -23.47 0.97 -15.84
C LEU A 317 -23.17 -0.04 -16.94
N SER A 318 -21.95 0.00 -17.46
CA SER A 318 -21.53 -0.93 -18.51
C SER A 318 -21.28 -2.33 -17.98
N GLU A 319 -21.39 -3.30 -18.88
CA GLU A 319 -21.15 -4.67 -18.55
C GLU A 319 -19.99 -5.08 -19.43
N ILE A 320 -19.14 -5.98 -18.96
CA ILE A 320 -18.03 -6.43 -19.78
C ILE A 320 -17.85 -7.94 -19.62
N GLU A 321 -17.24 -8.55 -20.62
CA GLU A 321 -17.01 -9.98 -20.59
C GLU A 321 -15.68 -10.24 -19.91
N VAL A 322 -15.71 -11.02 -18.85
CA VAL A 322 -14.48 -11.32 -18.14
C VAL A 322 -14.17 -12.80 -18.31
N GLU A 323 -12.92 -13.16 -18.03
CA GLU A 323 -12.45 -14.53 -18.09
C GLU A 323 -12.43 -15.00 -16.64
N LYS A 324 -13.16 -16.06 -16.32
CA LYS A 324 -13.16 -16.56 -14.94
C LYS A 324 -11.86 -17.31 -14.76
N ILE A 325 -11.33 -17.31 -13.54
CA ILE A 325 -10.09 -18.04 -13.30
C ILE A 325 -10.44 -19.41 -12.69
N ALA A 326 -10.09 -20.47 -13.41
CA ALA A 326 -10.36 -21.84 -12.95
C ALA A 326 -9.93 -22.02 -11.49
N GLN A 327 -10.74 -22.75 -10.73
CA GLN A 327 -10.41 -22.98 -9.32
C GLN A 327 -9.17 -23.83 -9.16
N GLU A 328 -8.78 -24.52 -10.23
CA GLU A 328 -7.60 -25.37 -10.19
C GLU A 328 -6.32 -24.56 -9.96
N LEU A 329 -6.19 -23.45 -10.70
CA LEU A 329 -5.02 -22.57 -10.60
C LEU A 329 -4.85 -22.00 -9.18
N GLU A 330 -5.74 -22.43 -8.30
CA GLU A 330 -5.77 -21.98 -6.92
C GLU A 330 -5.29 -23.06 -5.97
N ASN A 331 -4.84 -24.19 -6.51
CA ASN A 331 -4.40 -25.30 -5.69
C ASN A 331 -2.99 -25.71 -6.06
N LYS A 332 -2.29 -24.86 -6.78
CA LYS A 332 -0.94 -25.20 -7.20
C LYS A 332 0.12 -25.06 -6.12
N ILE A 333 -0.30 -24.75 -4.90
CA ILE A 333 0.62 -24.60 -3.78
C ILE A 333 0.24 -25.57 -2.67
N ARG A 334 1.13 -26.53 -2.37
CA ARG A 334 0.82 -27.52 -1.35
C ARG A 334 1.79 -27.64 -0.18
N VAL A 335 1.29 -28.22 0.92
CA VAL A 335 2.07 -28.48 2.14
C VAL A 335 1.89 -29.98 2.40
N ARG A 336 2.83 -30.58 3.13
CA ARG A 336 2.77 -32.01 3.43
C ARG A 336 3.09 -32.28 4.90
N ASP A 337 2.66 -33.43 5.41
CA ASP A 337 2.95 -33.79 6.79
C ASP A 337 4.10 -34.79 6.81
N ASP A 338 4.40 -35.35 7.98
CA ASP A 338 5.51 -36.31 8.10
C ASP A 338 5.24 -37.62 7.37
N LYS A 339 3.96 -37.88 7.08
CA LYS A 339 3.60 -39.07 6.33
C LYS A 339 3.73 -38.65 4.87
N GLY A 340 2.86 -39.13 4.01
CA GLY A 340 2.93 -38.75 2.60
C GLY A 340 1.79 -37.85 2.19
N ASN A 341 1.08 -37.30 3.17
CA ASN A 341 -0.06 -36.44 2.94
C ASN A 341 0.24 -35.02 2.42
N SER A 342 0.19 -34.86 1.09
CA SER A 342 0.41 -33.56 0.47
C SER A 342 -0.97 -32.97 0.20
N VAL A 343 -1.19 -31.75 0.65
CA VAL A 343 -2.49 -31.11 0.47
C VAL A 343 -2.33 -29.65 0.04
N PRO A 344 -3.19 -29.20 -0.87
CA PRO A 344 -3.15 -27.82 -1.36
C PRO A 344 -3.57 -26.85 -0.25
N ILE A 345 -2.80 -25.79 -0.06
CA ILE A 345 -3.09 -24.81 0.98
C ILE A 345 -4.53 -24.27 0.87
N SER A 346 -5.48 -25.09 1.29
CA SER A 346 -6.89 -24.70 1.24
C SER A 346 -7.74 -25.57 2.17
N GLN A 347 -8.28 -24.95 3.21
CA GLN A 347 -9.11 -25.65 4.19
C GLN A 347 -10.26 -24.75 4.64
N LEU A 356 -14.78 -39.14 13.51
CA LEU A 356 -13.54 -38.61 12.99
C LEU A 356 -12.30 -39.27 13.60
N LEU A 357 -11.13 -38.80 13.19
CA LEU A 357 -9.85 -39.32 13.66
C LEU A 357 -9.68 -39.26 15.17
N TRP A 358 -9.31 -40.39 15.75
CA TRP A 358 -9.12 -40.52 17.20
C TRP A 358 -8.26 -39.44 17.84
N THR A 359 -7.21 -39.01 17.14
CA THR A 359 -6.29 -37.99 17.67
C THR A 359 -6.80 -36.55 17.61
N ASN A 360 -7.93 -36.33 16.95
CA ASN A 360 -8.48 -34.97 16.83
C ASN A 360 -8.85 -34.32 18.16
N TYR A 361 -8.47 -34.94 19.27
CA TYR A 361 -8.77 -34.40 20.59
C TYR A 361 -7.52 -33.70 21.14
N SER A 362 -6.38 -34.01 20.54
CA SER A 362 -5.11 -33.45 20.99
C SER A 362 -4.87 -32.03 20.51
N ARG A 363 -4.37 -31.19 21.41
CA ARG A 363 -4.07 -29.80 21.10
C ARG A 363 -2.84 -29.68 20.20
N LYS A 364 -2.17 -30.80 19.96
CA LYS A 364 -0.98 -30.81 19.11
C LYS A 364 -1.28 -30.03 17.83
N TYR A 365 -0.38 -29.13 17.44
CA TYR A 365 -0.58 -28.36 16.23
C TYR A 365 -0.42 -29.29 15.03
N PRO A 366 -0.92 -28.89 13.85
CA PRO A 366 -0.74 -29.78 12.71
C PRO A 366 0.74 -29.95 12.43
N VAL A 367 1.06 -31.01 11.69
CA VAL A 367 2.45 -31.30 11.35
C VAL A 367 2.70 -30.88 9.91
N ILE A 368 3.81 -30.18 9.70
CA ILE A 368 4.16 -29.71 8.37
C ILE A 368 5.57 -30.19 8.09
N LEU A 369 5.75 -30.86 6.97
CA LEU A 369 7.06 -31.37 6.58
C LEU A 369 7.61 -30.46 5.49
N PRO A 370 8.50 -29.54 5.86
CA PRO A 370 9.12 -28.58 4.95
C PRO A 370 9.81 -29.24 3.76
N TYR A 371 9.91 -28.52 2.65
CA TYR A 371 10.59 -29.01 1.46
C TYR A 371 12.04 -28.53 1.49
N GLU A 372 12.29 -27.53 2.32
CA GLU A 372 13.62 -26.95 2.51
C GLU A 372 13.68 -26.21 3.84
N VAL A 373 14.83 -26.30 4.51
CA VAL A 373 15.06 -25.63 5.78
C VAL A 373 16.43 -24.98 5.72
N PRO A 374 16.50 -23.65 5.93
CA PRO A 374 17.79 -22.93 5.88
C PRO A 374 18.93 -23.72 6.51
N GLU A 375 20.06 -23.78 5.82
CA GLU A 375 21.18 -24.53 6.33
C GLU A 375 21.71 -23.96 7.65
N LYS A 376 21.27 -22.76 7.99
CA LYS A 376 21.69 -22.12 9.24
C LYS A 376 21.27 -22.92 10.48
N PHE A 377 20.08 -23.50 10.44
CA PHE A 377 19.55 -24.26 11.57
C PHE A 377 20.29 -25.55 11.87
N ARG A 378 21.23 -25.92 11.02
CA ARG A 378 21.99 -27.16 11.22
C ARG A 378 23.03 -26.99 12.32
N LYS A 379 23.74 -25.87 12.32
CA LYS A 379 24.77 -25.60 13.33
C LYS A 379 24.16 -25.12 14.64
N ILE A 380 23.25 -24.16 14.55
CA ILE A 380 22.57 -23.58 15.72
C ILE A 380 22.32 -24.55 16.87
N ARG A 381 22.76 -24.18 18.07
CA ARG A 381 22.58 -25.02 19.25
C ARG A 381 21.11 -25.06 19.68
N GLU A 382 20.75 -24.13 20.55
CA GLU A 382 19.39 -24.04 21.06
C GLU A 382 18.70 -22.84 20.43
N ILE A 383 17.46 -22.62 20.82
CA ILE A 383 16.66 -21.51 20.33
C ILE A 383 15.69 -21.12 21.44
N PRO A 384 16.02 -20.06 22.20
CA PRO A 384 15.15 -19.59 23.28
C PRO A 384 13.74 -19.26 22.78
N MET A 385 12.73 -19.61 23.58
CA MET A 385 11.32 -19.36 23.25
C MET A 385 10.68 -18.47 24.30
N PHE A 386 10.32 -17.25 23.90
CA PHE A 386 9.68 -16.29 24.81
C PHE A 386 8.17 -16.20 24.62
N ILE A 387 7.44 -16.23 25.72
CA ILE A 387 6.00 -16.11 25.67
C ILE A 387 5.77 -14.74 26.30
N ILE A 388 5.49 -13.73 25.48
CA ILE A 388 5.26 -12.40 26.01
C ILE A 388 3.75 -12.17 26.14
N LEU A 389 3.25 -12.04 27.36
CA LEU A 389 1.82 -11.82 27.57
C LEU A 389 1.44 -10.41 27.97
N ASP A 390 0.53 -9.82 27.20
CA ASP A 390 0.05 -8.47 27.46
C ASP A 390 -0.73 -8.52 28.78
N SER A 391 -0.19 -7.88 29.81
CA SER A 391 -0.81 -7.87 31.14
C SER A 391 -2.23 -7.34 31.14
N GLY A 392 -2.60 -6.64 30.08
CA GLY A 392 -3.93 -6.07 30.00
C GLY A 392 -4.97 -7.07 29.54
N LEU A 393 -4.52 -8.25 29.11
CA LEU A 393 -5.44 -9.28 28.68
C LEU A 393 -5.96 -9.99 29.92
N LEU A 394 -7.19 -10.48 29.85
CA LEU A 394 -7.79 -11.22 30.96
C LEU A 394 -6.95 -12.47 31.24
N ALA A 395 -6.84 -12.82 32.53
CA ALA A 395 -6.05 -13.99 32.91
C ALA A 395 -6.33 -15.22 32.06
N ASP A 396 -7.61 -15.55 31.88
CA ASP A 396 -7.97 -16.70 31.07
C ASP A 396 -7.49 -16.57 29.62
N ILE A 397 -7.40 -15.35 29.10
CA ILE A 397 -6.92 -15.12 27.73
C ILE A 397 -5.40 -15.38 27.66
N GLN A 398 -4.70 -14.96 28.71
CA GLN A 398 -3.26 -15.16 28.79
C GLN A 398 -2.96 -16.65 28.87
N ASN A 399 -3.71 -17.33 29.72
CA ASN A 399 -3.54 -18.77 29.91
C ASN A 399 -3.76 -19.50 28.60
N PHE A 400 -4.82 -19.11 27.89
CA PHE A 400 -5.15 -19.70 26.62
C PHE A 400 -3.99 -19.51 25.62
N ALA A 401 -3.50 -18.29 25.51
CA ALA A 401 -2.40 -17.98 24.58
C ALA A 401 -1.12 -18.77 24.86
N THR A 402 -0.73 -18.85 26.13
CA THR A 402 0.47 -19.57 26.48
C THR A 402 0.35 -21.03 26.03
N ASN A 403 -0.85 -21.60 26.17
CA ASN A 403 -1.07 -22.97 25.75
C ASN A 403 -1.03 -23.08 24.23
N GLU A 404 -1.62 -22.12 23.53
CA GLU A 404 -1.58 -22.18 22.07
C GLU A 404 -0.13 -22.14 21.60
N PHE A 405 0.63 -21.17 22.09
CA PHE A 405 2.02 -21.03 21.66
C PHE A 405 2.89 -22.25 21.98
N ARG A 406 2.69 -22.85 23.15
CA ARG A 406 3.48 -24.03 23.51
C ARG A 406 3.29 -25.10 22.46
N GLU A 407 2.06 -25.26 22.00
CA GLU A 407 1.77 -26.24 20.97
C GLU A 407 2.40 -25.80 19.67
N LEU A 408 2.37 -24.50 19.38
CA LEU A 408 2.96 -23.98 18.16
C LEU A 408 4.46 -24.23 18.15
N VAL A 409 5.14 -23.98 19.26
CA VAL A 409 6.58 -24.20 19.32
C VAL A 409 6.91 -25.66 19.04
N LYS A 410 6.13 -26.58 19.62
CA LYS A 410 6.35 -28.01 19.42
C LYS A 410 6.32 -28.34 17.94
N SER A 411 5.30 -27.90 17.21
CA SER A 411 5.24 -28.19 15.78
C SER A 411 6.35 -27.41 15.09
N MET A 412 6.70 -26.26 15.65
CA MET A 412 7.78 -25.43 15.12
C MET A 412 9.02 -26.32 15.08
N TYR A 413 9.23 -27.04 16.17
CA TYR A 413 10.35 -27.95 16.26
C TYR A 413 9.89 -29.19 15.50
N TYR A 414 10.82 -30.09 15.19
CA TYR A 414 10.48 -31.28 14.43
C TYR A 414 9.65 -30.87 13.23
N SER A 415 10.07 -29.75 12.65
CA SER A 415 9.52 -29.13 11.46
C SER A 415 10.76 -28.47 10.91
N LEU A 416 11.55 -27.92 11.82
CA LEU A 416 12.81 -27.29 11.47
C LEU A 416 13.88 -28.36 11.41
N ALA A 417 13.60 -29.52 12.01
CA ALA A 417 14.57 -30.60 12.00
C ALA A 417 13.93 -31.98 11.87
N LYS A 418 12.88 -32.08 11.05
CA LYS A 418 12.22 -33.37 10.86
C LYS A 418 12.95 -34.12 9.76
N LYS A 419 14.15 -33.64 9.45
CA LYS A 419 15.01 -34.23 8.43
C LYS A 419 16.40 -34.24 9.03
N TYR A 420 16.54 -33.55 10.17
CA TYR A 420 17.78 -33.42 10.93
C TYR A 420 19.03 -33.52 10.07
N LYS A 443 14.64 -22.43 28.67
CA LYS A 443 14.23 -22.55 27.26
C LYS A 443 12.97 -21.74 27.01
N GLU A 444 11.94 -21.96 27.84
CA GLU A 444 10.68 -21.23 27.69
C GLU A 444 10.53 -20.18 28.77
N LYS A 445 10.63 -18.91 28.39
CA LYS A 445 10.51 -17.87 29.39
C LYS A 445 9.22 -17.11 29.19
N VAL A 446 8.39 -17.05 30.23
CA VAL A 446 7.11 -16.35 30.15
C VAL A 446 7.22 -14.95 30.72
N ILE A 447 6.94 -13.95 29.89
CA ILE A 447 7.02 -12.56 30.30
C ILE A 447 5.68 -11.88 30.18
N THR A 448 5.26 -11.26 31.27
CA THR A 448 3.99 -10.56 31.31
C THR A 448 4.25 -9.09 31.64
N GLU A 449 3.81 -8.20 30.77
CA GLU A 449 3.99 -6.77 30.97
C GLU A 449 2.90 -5.99 30.23
N ASP A 450 2.73 -4.73 30.59
CA ASP A 450 1.74 -3.89 29.93
C ASP A 450 2.29 -3.48 28.57
N LEU A 451 1.92 -4.22 27.52
CA LEU A 451 2.36 -3.94 26.17
C LEU A 451 1.79 -2.65 25.62
N ASN A 452 0.97 -1.97 26.41
CA ASN A 452 0.37 -0.73 25.94
C ASN A 452 1.08 0.49 26.51
N SER A 453 1.93 0.30 27.51
CA SER A 453 2.67 1.41 28.08
C SER A 453 4.13 1.29 27.62
N ASP A 454 4.80 2.42 27.42
CA ASP A 454 6.19 2.40 26.96
C ASP A 454 7.13 1.75 27.97
N LYS A 455 6.75 1.77 29.23
CA LYS A 455 7.55 1.20 30.31
C LYS A 455 7.58 -0.32 30.25
N GLY A 456 6.45 -0.92 29.87
CA GLY A 456 6.35 -2.37 29.77
C GLY A 456 7.13 -2.92 28.59
N ILE A 457 7.09 -2.20 27.47
CA ILE A 457 7.81 -2.63 26.28
C ILE A 457 9.30 -2.64 26.58
N ILE A 458 9.75 -1.66 27.35
CA ILE A 458 11.15 -1.56 27.74
C ILE A 458 11.55 -2.75 28.61
N GLU A 459 10.74 -3.03 29.64
CA GLU A 459 11.01 -4.15 30.53
C GLU A 459 11.01 -5.47 29.75
N VAL A 460 10.14 -5.57 28.74
CA VAL A 460 10.08 -6.78 27.91
C VAL A 460 11.40 -6.95 27.20
N VAL A 461 11.78 -5.92 26.43
CA VAL A 461 13.04 -5.97 25.70
C VAL A 461 14.24 -6.22 26.64
N GLU A 462 14.23 -5.64 27.82
CA GLU A 462 15.33 -5.86 28.77
C GLU A 462 15.32 -7.30 29.25
N GLN A 463 14.17 -7.78 29.70
CA GLN A 463 14.10 -9.16 30.18
C GLN A 463 14.54 -10.12 29.07
N VAL A 464 14.13 -9.86 27.83
CA VAL A 464 14.53 -10.74 26.74
C VAL A 464 16.02 -10.58 26.49
N SER A 465 16.46 -9.34 26.39
CA SER A 465 17.88 -9.04 26.16
C SER A 465 18.72 -9.86 27.11
N SER A 466 18.27 -9.91 28.36
CA SER A 466 18.93 -10.67 29.41
C SER A 466 19.16 -12.13 29.03
N PHE A 467 18.09 -12.82 28.63
CA PHE A 467 18.18 -14.24 28.25
C PHE A 467 18.81 -14.53 26.90
N MET A 468 18.82 -13.52 26.03
CA MET A 468 19.37 -13.72 24.70
C MET A 468 20.87 -13.51 24.56
N LYS A 469 21.49 -12.92 25.57
CA LYS A 469 22.93 -12.70 25.48
C LYS A 469 23.61 -14.03 25.25
N GLY A 470 24.45 -14.08 24.24
CA GLY A 470 25.16 -15.31 23.94
C GLY A 470 24.47 -16.19 22.93
N LYS A 471 23.21 -15.90 22.59
CA LYS A 471 22.48 -16.74 21.63
C LYS A 471 22.35 -16.14 20.24
N GLU A 472 22.28 -17.02 19.24
CA GLU A 472 22.17 -16.62 17.85
C GLU A 472 20.75 -16.30 17.40
N LEU A 473 19.81 -17.15 17.79
CA LEU A 473 18.43 -16.94 17.37
C LEU A 473 17.46 -17.17 18.51
N GLY A 474 16.45 -16.33 18.58
CA GLY A 474 15.42 -16.45 19.61
C GLY A 474 14.05 -16.26 19.00
N LEU A 475 13.02 -16.77 19.67
CA LEU A 475 11.64 -16.66 19.18
C LEU A 475 10.69 -16.13 20.23
N ALA A 476 9.80 -15.24 19.78
CA ALA A 476 8.83 -14.64 20.68
C ALA A 476 7.42 -14.81 20.14
N PHE A 477 6.54 -15.28 21.02
CA PHE A 477 5.14 -15.47 20.69
C PHE A 477 4.47 -14.50 21.62
N ILE A 478 3.81 -13.50 21.03
CA ILE A 478 3.20 -12.42 21.79
C ILE A 478 1.68 -12.37 21.73
N ALA A 479 1.05 -12.24 22.90
CA ALA A 479 -0.40 -12.14 22.97
C ALA A 479 -0.65 -10.68 23.35
N ALA A 480 -1.31 -9.94 22.46
CA ALA A 480 -1.58 -8.53 22.72
C ALA A 480 -3.04 -8.11 22.53
N ARG A 481 -3.47 -7.14 23.33
CA ARG A 481 -4.84 -6.62 23.23
C ARG A 481 -4.92 -5.86 21.90
N ASN A 482 -6.12 -5.80 21.33
CA ASN A 482 -6.31 -5.10 20.06
C ASN A 482 -6.05 -3.58 20.15
N LYS A 483 -6.01 -3.04 21.37
CA LYS A 483 -5.78 -1.61 21.61
C LYS A 483 -4.47 -1.09 21.04
N LEU A 484 -3.40 -1.87 21.18
CA LEU A 484 -2.09 -1.46 20.71
C LEU A 484 -2.08 -0.88 19.31
N SER A 485 -1.34 0.21 19.17
CA SER A 485 -1.22 0.89 17.89
C SER A 485 -0.23 0.13 17.03
N SER A 486 -0.22 0.41 15.73
CA SER A 486 0.71 -0.25 14.83
C SER A 486 2.09 0.06 15.39
N GLU A 487 2.27 1.33 15.72
CA GLU A 487 3.52 1.84 16.28
C GLU A 487 4.05 0.95 17.39
N LYS A 488 3.24 0.74 18.43
CA LYS A 488 3.70 -0.11 19.53
C LYS A 488 3.97 -1.54 19.09
N PHE A 489 3.21 -2.02 18.10
CA PHE A 489 3.44 -3.36 17.60
C PHE A 489 4.77 -3.39 16.84
N GLU A 490 4.97 -2.40 15.96
CA GLU A 490 6.20 -2.29 15.17
C GLU A 490 7.44 -2.11 16.05
N GLU A 491 7.30 -1.39 17.16
CA GLU A 491 8.42 -1.17 18.05
C GLU A 491 8.77 -2.40 18.88
N ILE A 492 7.75 -3.10 19.36
CA ILE A 492 7.98 -4.31 20.15
C ILE A 492 8.72 -5.28 19.26
N LYS A 493 8.23 -5.45 18.04
CA LYS A 493 8.80 -6.39 17.08
C LYS A 493 10.22 -6.07 16.65
N ARG A 494 10.47 -4.80 16.33
CA ARG A 494 11.79 -4.36 15.89
C ARG A 494 12.83 -4.42 17.00
N ARG A 495 12.42 -4.05 18.21
CA ARG A 495 13.31 -4.06 19.37
C ARG A 495 13.68 -5.46 19.81
N LEU A 496 12.82 -6.42 19.50
CA LEU A 496 13.13 -7.79 19.87
C LEU A 496 14.07 -8.35 18.82
N PHE A 497 13.95 -7.86 17.59
CA PHE A 497 14.83 -8.37 16.55
C PHE A 497 16.27 -7.90 16.71
N ASN A 498 16.48 -6.69 17.23
CA ASN A 498 17.85 -6.21 17.45
C ASN A 498 18.57 -7.24 18.31
N LEU A 499 17.77 -8.00 19.06
CA LEU A 499 18.28 -9.05 19.94
C LEU A 499 18.27 -10.44 19.29
N ASN A 500 18.16 -10.47 17.96
CA ASN A 500 18.13 -11.74 17.24
C ASN A 500 16.97 -12.64 17.66
N VAL A 501 15.79 -12.03 17.82
CA VAL A 501 14.60 -12.76 18.22
C VAL A 501 13.50 -12.47 17.20
N ILE A 502 13.08 -13.49 16.45
CA ILE A 502 12.02 -13.31 15.45
C ILE A 502 10.73 -13.41 16.26
N SER A 503 9.67 -12.72 15.82
CA SER A 503 8.46 -12.80 16.62
C SER A 503 7.15 -12.98 15.88
N GLN A 504 6.15 -13.45 16.62
CA GLN A 504 4.84 -13.71 16.05
C GLN A 504 3.78 -13.22 17.02
N VAL A 505 2.99 -12.26 16.57
CA VAL A 505 1.93 -11.67 17.36
C VAL A 505 0.57 -12.26 17.07
N VAL A 506 -0.18 -12.54 18.12
CA VAL A 506 -1.53 -13.03 17.97
C VAL A 506 -2.37 -12.08 18.84
N ASN A 507 -3.33 -11.37 18.26
CA ASN A 507 -4.13 -10.44 19.06
C ASN A 507 -5.35 -11.01 19.77
N GLU A 508 -5.86 -10.25 20.73
CA GLU A 508 -7.02 -10.66 21.52
C GLU A 508 -8.18 -11.13 20.65
N ASP A 509 -8.38 -10.46 19.52
CA ASP A 509 -9.45 -10.83 18.62
C ASP A 509 -9.34 -12.28 18.20
N THR A 510 -8.20 -12.61 17.58
CA THR A 510 -7.97 -13.97 17.13
C THR A 510 -8.17 -14.98 18.25
N LEU A 511 -7.76 -14.60 19.47
CA LEU A 511 -7.89 -15.47 20.63
C LEU A 511 -9.29 -15.67 21.15
N LYS A 512 -10.20 -14.74 20.86
CA LYS A 512 -11.55 -14.87 21.37
C LYS A 512 -12.60 -15.30 20.33
N ASN A 513 -12.32 -15.09 19.05
CA ASN A 513 -13.29 -15.44 18.01
C ASN A 513 -12.80 -16.45 16.98
N LYS A 514 -11.69 -17.13 17.24
CA LYS A 514 -11.20 -18.10 16.29
C LYS A 514 -10.97 -19.46 16.93
N ARG A 515 -11.71 -19.75 17.99
CA ARG A 515 -11.57 -21.01 18.68
C ARG A 515 -12.19 -22.14 17.86
N ASP A 516 -11.71 -23.37 18.08
CA ASP A 516 -12.20 -24.53 17.35
C ASP A 516 -13.61 -24.90 17.80
N LYS A 517 -14.46 -25.27 16.84
CA LYS A 517 -15.85 -25.66 17.13
C LYS A 517 -16.01 -26.76 18.18
N TYR A 518 -15.05 -27.68 18.24
CA TYR A 518 -15.14 -28.78 19.19
C TYR A 518 -14.24 -28.63 20.42
N ASP A 519 -13.52 -27.51 20.51
CA ASP A 519 -12.64 -27.26 21.65
C ASP A 519 -12.37 -25.77 21.78
N ARG A 520 -13.10 -25.12 22.69
CA ARG A 520 -12.94 -23.68 22.91
C ARG A 520 -11.58 -23.33 23.51
N ASN A 521 -10.80 -24.35 23.87
CA ASN A 521 -9.50 -24.08 24.45
C ASN A 521 -8.43 -24.41 23.42
N ARG A 522 -8.76 -24.13 22.17
CA ARG A 522 -7.88 -24.39 21.06
C ARG A 522 -8.30 -23.52 19.85
N LEU A 523 -7.32 -23.04 19.10
CA LEU A 523 -7.55 -22.19 17.94
C LEU A 523 -8.03 -22.97 16.73
N ASP A 524 -8.77 -22.30 15.85
CA ASP A 524 -9.26 -22.90 14.62
C ASP A 524 -8.09 -23.57 13.91
N LEU A 525 -8.37 -24.68 13.24
CA LEU A 525 -7.35 -25.41 12.52
C LEU A 525 -6.85 -24.51 11.40
N PHE A 526 -7.74 -23.69 10.87
CA PHE A 526 -7.38 -22.79 9.79
C PHE A 526 -6.34 -21.78 10.28
N VAL A 527 -6.61 -21.20 11.44
CA VAL A 527 -5.73 -20.20 12.02
C VAL A 527 -4.40 -20.81 12.45
N ARG A 528 -4.44 -21.99 13.04
CA ARG A 528 -3.22 -22.66 13.46
C ARG A 528 -2.29 -22.85 12.28
N HIS A 529 -2.80 -23.40 11.20
CA HIS A 529 -1.98 -23.61 10.01
C HIS A 529 -1.35 -22.30 9.59
N ASN A 530 -2.16 -21.24 9.56
CA ASN A 530 -1.64 -19.94 9.14
C ASN A 530 -0.61 -19.35 10.09
N LEU A 531 -0.71 -19.66 11.39
CA LEU A 531 0.27 -19.15 12.34
C LEU A 531 1.61 -19.81 12.07
N LEU A 532 1.55 -21.12 11.80
CA LEU A 532 2.72 -21.91 11.52
C LEU A 532 3.39 -21.46 10.23
N PHE A 533 2.60 -21.19 9.19
CA PHE A 533 3.14 -20.74 7.92
C PHE A 533 3.84 -19.40 8.07
N GLN A 534 3.29 -18.55 8.93
CA GLN A 534 3.87 -17.23 9.14
C GLN A 534 5.24 -17.35 9.79
N VAL A 535 5.30 -18.12 10.86
CA VAL A 535 6.54 -18.29 11.58
C VAL A 535 7.62 -18.88 10.68
N LEU A 536 7.26 -19.94 9.96
CA LEU A 536 8.19 -20.60 9.05
C LEU A 536 8.69 -19.68 7.96
N SER A 537 7.82 -18.80 7.47
CA SER A 537 8.24 -17.87 6.42
C SER A 537 9.22 -16.88 7.02
N LYS A 538 8.95 -16.46 8.26
CA LYS A 538 9.81 -15.50 8.93
C LYS A 538 11.19 -16.08 9.21
N LEU A 539 11.30 -17.40 9.05
CA LEU A 539 12.55 -18.12 9.29
C LEU A 539 13.17 -18.67 8.01
N GLY A 540 12.66 -18.22 6.87
CA GLY A 540 13.19 -18.67 5.58
C GLY A 540 12.92 -20.10 5.18
N VAL A 541 11.99 -20.77 5.87
CA VAL A 541 11.69 -22.16 5.55
C VAL A 541 10.80 -22.34 4.34
N LYS A 542 11.24 -23.19 3.41
CA LYS A 542 10.42 -23.49 2.24
C LYS A 542 9.50 -24.61 2.70
N TYR A 543 8.37 -24.21 3.29
CA TYR A 543 7.40 -25.15 3.83
C TYR A 543 6.35 -25.59 2.82
N TYR A 544 6.36 -24.98 1.64
CA TYR A 544 5.38 -25.31 0.63
C TYR A 544 6.06 -25.65 -0.71
N VAL A 545 5.27 -26.16 -1.65
CA VAL A 545 5.78 -26.47 -2.96
C VAL A 545 4.77 -25.94 -3.97
N LEU A 546 5.28 -25.43 -5.08
CA LEU A 546 4.42 -24.85 -6.11
C LEU A 546 4.39 -25.71 -7.38
N ASP A 547 3.21 -26.18 -7.74
CA ASP A 547 3.08 -26.98 -8.95
C ASP A 547 3.01 -25.96 -10.06
N TYR A 548 4.17 -25.41 -10.42
CA TYR A 548 4.25 -24.40 -11.45
C TYR A 548 5.69 -24.02 -11.67
N ARG A 549 5.98 -23.47 -12.85
CA ARG A 549 7.32 -23.01 -13.20
C ARG A 549 7.18 -21.69 -13.93
N PHE A 550 7.94 -20.69 -13.51
CA PHE A 550 7.89 -19.38 -14.15
C PHE A 550 8.89 -19.43 -15.30
N ASN A 551 8.53 -18.89 -16.46
CA ASN A 551 9.44 -18.93 -17.59
C ASN A 551 10.51 -17.86 -17.43
N TYR A 552 11.09 -17.80 -16.25
CA TYR A 552 12.13 -16.82 -15.94
C TYR A 552 13.20 -17.46 -15.04
N ASP A 553 14.33 -16.78 -14.95
CA ASP A 553 15.41 -17.29 -14.11
C ASP A 553 15.08 -16.90 -12.67
N TYR A 554 14.71 -15.63 -12.51
CA TYR A 554 14.33 -15.07 -11.22
C TYR A 554 13.26 -14.02 -11.47
N ILE A 555 12.38 -13.86 -10.48
CA ILE A 555 11.34 -12.83 -10.53
C ILE A 555 11.78 -11.89 -9.45
N ILE A 556 12.00 -10.64 -9.82
CA ILE A 556 12.48 -9.65 -8.85
C ILE A 556 11.53 -8.49 -8.59
N GLY A 557 11.28 -8.23 -7.31
CA GLY A 557 10.44 -7.11 -6.91
C GLY A 557 11.34 -6.05 -6.29
N ILE A 558 11.27 -4.81 -6.80
CA ILE A 558 12.11 -3.74 -6.25
C ILE A 558 11.25 -2.63 -5.67
N ASP A 559 11.81 -1.88 -4.72
CA ASP A 559 11.12 -0.77 -4.10
C ASP A 559 12.09 0.41 -4.01
N VAL A 560 11.62 1.60 -4.37
CA VAL A 560 12.47 2.77 -4.30
C VAL A 560 12.06 3.64 -3.12
N ALA A 561 12.94 3.79 -2.15
CA ALA A 561 12.63 4.60 -0.97
C ALA A 561 13.90 5.06 -0.29
N PRO A 562 14.26 6.34 -0.46
CA PRO A 562 15.46 6.93 0.14
C PRO A 562 15.51 6.83 1.67
N MET A 563 16.68 6.50 2.19
CA MET A 563 16.88 6.38 3.62
C MET A 563 18.38 6.43 3.92
N LYS A 564 18.74 7.04 5.05
CA LYS A 564 20.14 7.14 5.46
C LYS A 564 20.28 6.34 6.74
N ARG A 565 21.10 5.29 6.69
CA ARG A 565 21.28 4.44 7.86
C ARG A 565 22.69 4.43 8.40
N SER A 566 22.82 4.39 9.73
CA SER A 566 24.13 4.37 10.38
C SER A 566 25.10 3.58 9.51
N GLU A 567 25.91 4.32 8.75
CA GLU A 567 26.87 3.73 7.84
C GLU A 567 26.01 3.07 6.75
N GLY A 568 25.45 3.89 5.87
CA GLY A 568 24.61 3.35 4.82
C GLY A 568 24.19 4.31 3.72
N TYR A 569 23.04 4.94 3.89
CA TYR A 569 22.49 5.88 2.91
C TYR A 569 21.88 5.01 1.79
N ILE A 570 20.77 4.36 2.14
CA ILE A 570 20.06 3.44 1.26
C ILE A 570 18.93 4.00 0.39
N GLY A 571 18.95 3.63 -0.88
CA GLY A 571 17.96 4.13 -1.82
C GLY A 571 16.72 3.25 -2.01
N GLY A 572 16.80 1.98 -1.62
CA GLY A 572 15.64 1.14 -1.79
C GLY A 572 15.85 -0.32 -1.45
N SER A 573 15.02 -1.19 -2.02
CA SER A 573 15.13 -2.62 -1.75
C SER A 573 14.79 -3.48 -2.96
N ALA A 574 15.09 -4.75 -2.87
CA ALA A 574 14.81 -5.70 -3.94
C ALA A 574 14.69 -7.07 -3.31
N VAL A 575 13.70 -7.83 -3.74
CA VAL A 575 13.49 -9.17 -3.22
C VAL A 575 13.45 -10.12 -4.41
N MET A 576 14.06 -11.28 -4.23
CA MET A 576 14.16 -12.26 -5.31
C MET A 576 13.54 -13.64 -5.05
N PHE A 577 12.85 -14.11 -6.07
CA PHE A 577 12.18 -15.41 -6.09
C PHE A 577 12.77 -16.17 -7.27
N ASP A 578 13.00 -17.47 -7.07
CA ASP A 578 13.52 -18.31 -8.15
C ASP A 578 12.33 -18.79 -8.97
N SER A 579 12.61 -19.42 -10.12
CA SER A 579 11.54 -19.91 -11.00
C SER A 579 10.66 -20.96 -10.32
N GLN A 580 11.15 -21.55 -9.24
CA GLN A 580 10.39 -22.56 -8.51
C GLN A 580 9.40 -21.90 -7.55
N GLY A 581 9.39 -20.57 -7.53
CA GLY A 581 8.48 -19.82 -6.69
C GLY A 581 8.88 -19.58 -5.25
N TYR A 582 10.17 -19.73 -4.95
CA TYR A 582 10.65 -19.52 -3.60
C TYR A 582 11.45 -18.23 -3.46
N ILE A 583 11.37 -17.62 -2.27
CA ILE A 583 12.09 -16.40 -1.99
C ILE A 583 13.50 -16.82 -1.60
N ARG A 584 14.48 -16.28 -2.30
CA ARG A 584 15.85 -16.67 -2.00
C ARG A 584 16.74 -15.53 -1.52
N LYS A 585 16.47 -14.31 -1.96
CA LYS A 585 17.29 -13.17 -1.57
C LYS A 585 16.53 -11.86 -1.32
N ILE A 586 16.82 -11.23 -0.19
CA ILE A 586 16.21 -9.95 0.18
C ILE A 586 17.38 -8.97 0.42
N VAL A 587 17.67 -8.11 -0.55
CA VAL A 587 18.79 -7.18 -0.40
C VAL A 587 18.47 -5.70 -0.29
N PRO A 588 19.32 -4.96 0.43
CA PRO A 588 19.15 -3.51 0.61
C PRO A 588 19.86 -2.96 -0.61
N ILE A 589 19.52 -1.76 -1.04
CA ILE A 589 20.18 -1.20 -2.20
C ILE A 589 20.81 0.14 -1.85
N LYS A 590 22.05 0.07 -1.39
CA LYS A 590 22.80 1.25 -1.00
C LYS A 590 23.15 2.06 -2.22
N ILE A 591 23.20 3.38 -2.05
CA ILE A 591 23.54 4.29 -3.15
C ILE A 591 24.27 5.49 -2.57
N GLY A 592 24.81 6.32 -3.45
CA GLY A 592 25.52 7.50 -2.98
C GLY A 592 24.57 8.65 -2.77
N GLU A 593 25.06 9.76 -2.25
CA GLU A 593 24.22 10.93 -2.03
C GLU A 593 23.75 11.43 -3.39
N GLN A 594 22.49 11.13 -3.72
CA GLN A 594 21.92 11.51 -5.01
C GLN A 594 22.14 12.96 -5.45
N ARG A 595 22.42 13.12 -6.74
CA ARG A 595 22.66 14.43 -7.34
C ARG A 595 21.37 15.21 -7.53
N GLY A 596 20.72 14.98 -8.67
CA GLY A 596 19.47 15.66 -8.97
C GLY A 596 18.40 15.38 -7.94
N GLU A 597 17.17 15.83 -8.22
CA GLU A 597 16.08 15.60 -7.29
C GLU A 597 15.41 14.25 -7.55
N SER A 598 16.06 13.46 -8.41
CA SER A 598 15.57 12.12 -8.75
C SER A 598 16.56 11.12 -8.18
N VAL A 599 16.48 9.88 -8.65
CA VAL A 599 17.39 8.84 -8.18
C VAL A 599 18.03 8.20 -9.37
N ASP A 600 19.35 8.07 -9.32
CA ASP A 600 20.11 7.46 -10.40
C ASP A 600 19.72 5.98 -10.48
N MET A 601 18.64 5.69 -11.22
CA MET A 601 18.18 4.30 -11.32
C MET A 601 19.22 3.40 -11.94
N ASN A 602 20.11 3.99 -12.73
CA ASN A 602 21.18 3.26 -13.37
C ASN A 602 22.08 2.74 -12.24
N GLU A 603 22.31 3.58 -11.25
CA GLU A 603 23.14 3.23 -10.10
C GLU A 603 22.39 2.25 -9.24
N PHE A 604 21.10 2.51 -9.09
CA PHE A 604 20.22 1.69 -8.28
C PHE A 604 20.20 0.26 -8.83
N PHE A 605 19.91 0.11 -10.11
CA PHE A 605 19.84 -1.22 -10.67
C PHE A 605 21.20 -1.89 -10.80
N LYS A 606 22.26 -1.10 -11.00
CA LYS A 606 23.59 -1.70 -11.10
C LYS A 606 23.97 -2.30 -9.74
N GLU A 607 23.66 -1.57 -8.67
CA GLU A 607 23.97 -2.07 -7.34
C GLU A 607 23.12 -3.30 -6.99
N MET A 608 21.94 -3.39 -7.61
CA MET A 608 21.05 -4.52 -7.38
C MET A 608 21.79 -5.79 -7.80
N VAL A 609 22.27 -5.79 -9.05
CA VAL A 609 23.01 -6.92 -9.59
C VAL A 609 24.24 -7.19 -8.73
N ASP A 610 25.04 -6.17 -8.49
CA ASP A 610 26.24 -6.36 -7.69
C ASP A 610 25.92 -6.90 -6.31
N LYS A 611 24.91 -6.33 -5.66
CA LYS A 611 24.53 -6.78 -4.33
C LYS A 611 24.04 -8.23 -4.32
N PHE A 612 23.45 -8.66 -5.43
CA PHE A 612 22.98 -10.04 -5.56
C PHE A 612 24.18 -10.93 -5.83
N LYS A 613 25.06 -10.48 -6.71
CA LYS A 613 26.28 -11.22 -7.04
C LYS A 613 27.01 -11.52 -5.74
N GLU A 614 26.91 -10.59 -4.80
CA GLU A 614 27.54 -10.72 -3.50
C GLU A 614 26.71 -11.68 -2.64
N PHE A 615 25.42 -11.75 -2.91
CA PHE A 615 24.56 -12.64 -2.16
C PHE A 615 24.44 -14.01 -2.78
N ASN A 616 25.36 -14.31 -3.69
CA ASN A 616 25.42 -15.60 -4.39
C ASN A 616 24.41 -15.79 -5.50
N ILE A 617 24.22 -14.76 -6.30
CA ILE A 617 23.31 -14.83 -7.44
C ILE A 617 23.78 -13.84 -8.48
N LYS A 618 24.06 -14.34 -9.68
CA LYS A 618 24.52 -13.48 -10.78
C LYS A 618 23.43 -13.43 -11.83
N LEU A 619 22.90 -12.24 -12.05
CA LEU A 619 21.83 -12.03 -13.03
C LEU A 619 22.35 -11.92 -14.46
N ASP A 620 23.67 -12.01 -14.60
CA ASP A 620 24.30 -11.92 -15.92
C ASP A 620 23.73 -12.97 -16.88
N ASN A 621 23.53 -12.56 -18.13
CA ASN A 621 22.97 -13.43 -19.16
C ASN A 621 21.82 -14.31 -18.65
N LYS A 622 20.89 -13.66 -17.96
CA LYS A 622 19.71 -14.32 -17.41
C LYS A 622 18.45 -13.54 -17.82
N LYS A 623 17.31 -14.22 -17.74
CA LYS A 623 16.01 -13.64 -18.08
C LYS A 623 15.24 -13.47 -16.77
N ILE A 624 14.89 -12.22 -16.47
CA ILE A 624 14.17 -11.93 -15.24
C ILE A 624 12.91 -11.13 -15.50
N LEU A 625 11.98 -11.27 -14.56
CA LEU A 625 10.73 -10.53 -14.57
C LEU A 625 10.97 -9.55 -13.43
N LEU A 626 11.03 -8.26 -13.74
CA LEU A 626 11.27 -7.27 -12.69
C LEU A 626 10.01 -6.46 -12.47
N LEU A 627 9.52 -6.47 -11.24
CA LEU A 627 8.30 -5.73 -10.94
C LEU A 627 8.49 -4.74 -9.82
N ARG A 628 7.60 -3.76 -9.76
CA ARG A 628 7.63 -2.75 -8.72
C ARG A 628 6.19 -2.35 -8.39
N ASP A 629 6.01 -1.66 -7.27
CA ASP A 629 4.67 -1.20 -6.87
C ASP A 629 4.30 0.02 -7.69
N GLY A 630 3.64 -0.20 -8.83
CA GLY A 630 3.22 0.93 -9.64
C GLY A 630 3.74 0.93 -11.06
N ARG A 631 3.61 2.07 -11.72
CA ARG A 631 4.05 2.22 -13.10
C ARG A 631 5.58 2.31 -13.18
N ILE A 632 6.19 1.57 -14.11
CA ILE A 632 7.64 1.60 -14.30
C ILE A 632 7.96 2.97 -14.92
N THR A 633 8.57 3.85 -14.13
CA THR A 633 8.89 5.19 -14.62
C THR A 633 10.01 5.18 -15.66
N ASN A 634 10.11 6.30 -16.40
CA ASN A 634 11.12 6.47 -17.44
C ASN A 634 12.53 6.19 -16.90
N ASN A 635 12.84 6.81 -15.77
CA ASN A 635 14.15 6.64 -15.16
C ASN A 635 14.39 5.18 -14.85
N GLU A 636 13.33 4.48 -14.44
CA GLU A 636 13.45 3.07 -14.10
C GLU A 636 13.65 2.26 -15.37
N GLU A 637 13.05 2.72 -16.47
CA GLU A 637 13.22 2.01 -17.73
C GLU A 637 14.68 2.12 -18.17
N GLU A 638 15.18 3.35 -18.26
CA GLU A 638 16.56 3.60 -18.65
C GLU A 638 17.52 2.83 -17.75
N GLY A 639 17.25 2.88 -16.45
CA GLY A 639 18.10 2.18 -15.51
C GLY A 639 18.14 0.71 -15.84
N LEU A 640 17.00 0.16 -16.27
CA LEU A 640 16.90 -1.25 -16.62
C LEU A 640 17.55 -1.58 -17.97
N LYS A 641 17.55 -0.62 -18.88
CA LYS A 641 18.18 -0.83 -20.16
C LYS A 641 19.69 -0.87 -19.92
N TYR A 642 20.17 0.05 -19.11
CA TYR A 642 21.58 0.16 -18.74
C TYR A 642 22.12 -1.17 -18.23
N ILE A 643 21.43 -1.71 -17.24
CA ILE A 643 21.76 -2.97 -16.61
C ILE A 643 21.48 -4.15 -17.57
N SER A 644 20.85 -3.85 -18.70
CA SER A 644 20.51 -4.88 -19.68
C SER A 644 21.69 -5.20 -20.58
N GLU A 645 22.45 -4.17 -20.95
CA GLU A 645 23.63 -4.34 -21.79
C GLU A 645 24.82 -4.69 -20.92
N MET A 646 25.02 -3.90 -19.87
CA MET A 646 26.14 -4.08 -18.97
C MET A 646 26.25 -5.48 -18.38
N PHE A 647 25.19 -6.28 -18.48
CA PHE A 647 25.24 -7.62 -17.92
C PHE A 647 24.50 -8.60 -18.81
N ASP A 648 24.09 -8.10 -19.98
CA ASP A 648 23.36 -8.92 -20.93
C ASP A 648 22.25 -9.60 -20.14
N ILE A 649 21.25 -8.79 -19.78
CA ILE A 649 20.12 -9.27 -19.02
C ILE A 649 18.85 -9.05 -19.81
N GLU A 650 18.05 -10.11 -19.95
CA GLU A 650 16.78 -10.00 -20.65
C GLU A 650 15.76 -9.64 -19.56
N VAL A 651 15.38 -8.37 -19.56
CA VAL A 651 14.46 -7.82 -18.58
C VAL A 651 13.03 -7.72 -19.07
N VAL A 652 12.14 -8.41 -18.39
CA VAL A 652 10.73 -8.36 -18.71
C VAL A 652 10.12 -7.59 -17.55
N THR A 653 9.46 -6.48 -17.89
CA THR A 653 8.84 -5.68 -16.86
C THR A 653 7.49 -5.14 -17.36
N MET A 654 6.69 -4.64 -16.42
CA MET A 654 5.38 -4.09 -16.74
C MET A 654 4.89 -3.31 -15.54
N ASP A 655 3.85 -2.53 -15.75
CA ASP A 655 3.26 -1.77 -14.65
C ASP A 655 2.34 -2.67 -13.82
N VAL A 656 2.51 -2.61 -12.51
CA VAL A 656 1.66 -3.34 -11.59
C VAL A 656 0.99 -2.25 -10.76
N ILE A 657 -0.24 -1.93 -11.11
CA ILE A 657 -0.96 -0.86 -10.43
C ILE A 657 -2.09 -1.31 -9.51
N LYS A 658 -1.93 -1.03 -8.22
CA LYS A 658 -2.93 -1.38 -7.24
C LYS A 658 -3.81 -0.17 -6.93
N ASN A 659 -3.31 1.01 -7.25
CA ASN A 659 -4.09 2.21 -6.99
C ASN A 659 -4.67 2.75 -8.27
N HIS A 660 -5.87 2.29 -8.56
CA HIS A 660 -6.60 2.72 -9.74
C HIS A 660 -8.05 2.66 -9.28
N PRO A 661 -8.97 3.31 -10.00
CA PRO A 661 -10.39 3.34 -9.64
C PRO A 661 -11.32 2.32 -10.30
N VAL A 662 -10.83 1.59 -11.29
CA VAL A 662 -11.69 0.62 -11.97
C VAL A 662 -12.17 -0.48 -11.02
N ARG A 663 -13.47 -0.71 -10.99
CA ARG A 663 -14.06 -1.73 -10.11
C ARG A 663 -15.11 -2.62 -10.79
N ALA A 664 -15.01 -3.92 -10.56
CA ALA A 664 -15.95 -4.91 -11.13
C ALA A 664 -16.87 -5.35 -10.01
N PHE A 665 -18.15 -5.04 -10.14
CA PHE A 665 -19.12 -5.39 -9.10
C PHE A 665 -19.50 -6.86 -9.02
N ALA A 666 -18.49 -7.69 -8.86
CA ALA A 666 -18.66 -9.12 -8.75
C ALA A 666 -17.57 -9.59 -7.78
N ASN A 667 -17.88 -10.56 -6.93
CA ASN A 667 -16.87 -11.06 -6.02
C ASN A 667 -16.38 -12.45 -6.46
N MET A 668 -15.49 -12.47 -7.46
CA MET A 668 -14.93 -13.72 -7.97
C MET A 668 -13.60 -13.47 -8.68
N LYS A 669 -12.77 -14.51 -8.75
CA LYS A 669 -11.48 -14.40 -9.43
C LYS A 669 -11.78 -14.22 -10.91
N MET A 670 -11.05 -13.31 -11.56
CA MET A 670 -11.25 -13.03 -12.98
C MET A 670 -10.20 -12.06 -13.52
N TYR A 671 -10.33 -11.75 -14.79
CA TYR A 671 -9.45 -10.79 -15.42
C TYR A 671 -10.11 -10.42 -16.74
N PHE A 672 -9.84 -9.20 -17.20
CA PHE A 672 -10.41 -8.70 -18.44
C PHE A 672 -9.58 -7.54 -18.98
N ASN A 673 -9.75 -7.28 -20.27
CA ASN A 673 -9.00 -6.21 -20.91
C ASN A 673 -9.86 -4.97 -20.97
N LEU A 674 -9.34 -3.87 -20.46
CA LEU A 674 -10.07 -2.62 -20.50
C LEU A 674 -9.12 -1.48 -20.83
N GLY A 675 -9.40 -0.78 -21.92
CA GLY A 675 -8.55 0.32 -22.31
C GLY A 675 -7.14 -0.10 -22.70
N GLY A 676 -6.91 -1.41 -22.83
CA GLY A 676 -5.60 -1.89 -23.22
C GLY A 676 -4.76 -2.37 -22.06
N ALA A 677 -5.35 -2.36 -20.86
CA ALA A 677 -4.65 -2.81 -19.69
C ALA A 677 -5.41 -4.02 -19.22
N ILE A 678 -4.80 -4.83 -18.36
CA ILE A 678 -5.49 -6.01 -17.86
C ILE A 678 -5.82 -5.79 -16.40
N TYR A 679 -7.03 -6.19 -16.01
CA TYR A 679 -7.45 -6.05 -14.62
C TYR A 679 -7.66 -7.45 -14.10
N LEU A 680 -7.00 -7.76 -13.00
CA LEU A 680 -7.03 -9.08 -12.41
C LEU A 680 -7.42 -9.16 -10.94
N ILE A 681 -8.44 -9.96 -10.64
CA ILE A 681 -8.87 -10.18 -9.26
C ILE A 681 -8.36 -11.60 -8.92
N PRO A 682 -7.19 -11.68 -8.24
CA PRO A 682 -6.53 -12.92 -7.83
C PRO A 682 -7.28 -13.83 -6.85
N HIS A 683 -8.14 -13.25 -6.02
CA HIS A 683 -8.92 -14.03 -5.06
C HIS A 683 -10.22 -13.35 -4.68
N LYS A 684 -11.11 -14.10 -4.03
CA LYS A 684 -12.41 -13.60 -3.59
C LYS A 684 -12.30 -12.95 -2.21
N LEU A 685 -13.40 -12.96 -1.49
CA LEU A 685 -13.48 -12.44 -0.14
C LEU A 685 -14.53 -13.35 0.48
N LYS A 686 -14.26 -13.91 1.66
CA LYS A 686 -15.24 -14.81 2.29
C LYS A 686 -15.82 -14.29 3.59
N GLN A 687 -15.02 -13.54 4.35
CA GLN A 687 -15.46 -13.01 5.63
C GLN A 687 -15.67 -11.50 5.55
N ALA A 688 -14.65 -10.80 5.07
CA ALA A 688 -14.69 -9.36 4.96
C ALA A 688 -15.70 -8.79 3.96
N LYS A 689 -16.30 -7.66 4.35
CA LYS A 689 -17.26 -6.96 3.51
C LYS A 689 -16.45 -6.07 2.57
N GLY A 690 -16.97 -5.83 1.36
CA GLY A 690 -16.25 -4.98 0.43
C GLY A 690 -16.30 -5.45 -1.00
N THR A 691 -15.68 -4.67 -1.87
CA THR A 691 -15.59 -4.96 -3.29
C THR A 691 -14.12 -5.24 -3.58
N PRO A 692 -13.82 -6.35 -4.27
CA PRO A 692 -12.44 -6.70 -4.58
C PRO A 692 -11.75 -5.59 -5.37
N ILE A 693 -10.45 -5.41 -5.15
CA ILE A 693 -9.68 -4.39 -5.87
C ILE A 693 -8.80 -5.07 -6.89
N PRO A 694 -9.04 -4.81 -8.18
CA PRO A 694 -8.22 -5.44 -9.21
C PRO A 694 -6.79 -4.95 -9.20
N ILE A 695 -5.89 -5.76 -9.72
CA ILE A 695 -4.50 -5.38 -9.89
C ILE A 695 -4.51 -4.99 -11.36
N LYS A 696 -4.04 -3.79 -11.69
CA LYS A 696 -4.02 -3.37 -13.09
C LYS A 696 -2.66 -3.68 -13.72
N LEU A 697 -2.67 -4.33 -14.88
CA LEU A 697 -1.44 -4.68 -15.60
C LEU A 697 -1.36 -3.89 -16.89
N ALA A 698 -0.22 -3.26 -17.16
CA ALA A 698 -0.11 -2.46 -18.37
C ALA A 698 1.31 -2.09 -18.82
N LYS A 699 1.36 -1.49 -20.01
CA LYS A 699 2.60 -1.04 -20.63
C LYS A 699 3.77 -1.98 -20.45
N LYS A 700 3.59 -3.23 -20.84
CA LYS A 700 4.62 -4.23 -20.74
C LYS A 700 5.69 -4.02 -21.81
N ARG A 701 6.94 -4.32 -21.47
CA ARG A 701 8.04 -4.16 -22.39
C ARG A 701 9.04 -5.27 -22.16
N ILE A 702 9.91 -5.48 -23.14
CA ILE A 702 10.97 -6.49 -23.02
C ILE A 702 12.25 -5.67 -23.24
N ILE A 703 13.24 -5.88 -22.41
CA ILE A 703 14.47 -5.12 -22.57
C ILE A 703 15.68 -6.01 -22.78
N LYS A 704 16.24 -5.93 -23.98
CA LYS A 704 17.44 -6.69 -24.35
C LYS A 704 18.49 -5.70 -24.83
N ASN A 705 19.73 -5.95 -24.45
CA ASN A 705 20.87 -5.11 -24.83
C ASN A 705 20.55 -3.63 -24.88
N GLY A 706 19.86 -3.13 -23.86
CA GLY A 706 19.53 -1.72 -23.79
C GLY A 706 18.45 -1.29 -24.75
N LYS A 707 17.77 -2.26 -25.36
CA LYS A 707 16.71 -1.96 -26.30
C LYS A 707 15.36 -2.33 -25.72
N VAL A 708 14.38 -1.45 -25.90
CA VAL A 708 13.04 -1.68 -25.40
C VAL A 708 12.06 -2.00 -26.53
N GLU A 709 11.25 -3.02 -26.33
CA GLU A 709 10.23 -3.43 -27.30
C GLU A 709 8.88 -3.42 -26.60
N LYS A 710 8.10 -2.35 -26.75
CA LYS A 710 6.79 -2.34 -26.11
C LYS A 710 6.15 -3.68 -26.45
N GLN A 711 5.48 -4.29 -25.49
CA GLN A 711 4.88 -5.59 -25.74
C GLN A 711 3.40 -5.69 -25.46
N SER A 712 2.91 -6.92 -25.42
CA SER A 712 1.52 -7.20 -25.15
C SER A 712 1.45 -8.24 -24.06
N ILE A 713 0.52 -8.04 -23.14
CA ILE A 713 0.33 -8.96 -22.03
C ILE A 713 -0.44 -10.18 -22.51
N THR A 714 0.05 -11.35 -22.17
CA THR A 714 -0.54 -12.62 -22.57
C THR A 714 -1.29 -13.26 -21.42
N ARG A 715 -2.05 -14.31 -21.71
CA ARG A 715 -2.76 -14.99 -20.65
C ARG A 715 -1.67 -15.58 -19.76
N GLN A 716 -0.49 -15.76 -20.33
CA GLN A 716 0.63 -16.31 -19.59
C GLN A 716 1.10 -15.31 -18.54
N ASP A 717 1.21 -14.06 -18.95
CA ASP A 717 1.63 -13.02 -18.02
C ASP A 717 0.65 -12.93 -16.87
N VAL A 718 -0.63 -12.89 -17.21
CA VAL A 718 -1.67 -12.84 -16.19
C VAL A 718 -1.52 -14.02 -15.21
N LEU A 719 -1.20 -15.20 -15.73
CA LEU A 719 -1.04 -16.37 -14.87
C LEU A 719 0.17 -16.17 -13.95
N ASP A 720 1.21 -15.52 -14.46
CA ASP A 720 2.40 -15.29 -13.63
C ASP A 720 2.08 -14.37 -12.47
N ILE A 721 1.39 -13.26 -12.75
CA ILE A 721 1.05 -12.36 -11.66
C ILE A 721 0.15 -13.09 -10.69
N PHE A 722 -0.80 -13.84 -11.23
CA PHE A 722 -1.73 -14.61 -10.43
C PHE A 722 -1.04 -15.47 -9.38
N ILE A 723 -0.17 -16.37 -9.82
CA ILE A 723 0.54 -17.25 -8.90
C ILE A 723 1.42 -16.43 -7.96
N LEU A 724 2.14 -15.47 -8.52
CA LEU A 724 3.00 -14.61 -7.70
C LEU A 724 2.18 -13.93 -6.62
N THR A 725 0.92 -13.66 -6.92
CA THR A 725 0.02 -13.02 -5.95
C THR A 725 -0.53 -14.03 -4.95
N ARG A 726 -0.69 -15.28 -5.36
CA ARG A 726 -1.23 -16.29 -4.44
C ARG A 726 -0.28 -16.56 -3.30
N LEU A 727 0.99 -16.19 -3.46
CA LEU A 727 2.00 -16.38 -2.42
C LEU A 727 1.87 -15.27 -1.36
N ASN A 728 1.16 -15.56 -0.28
CA ASN A 728 0.91 -14.60 0.80
C ASN A 728 1.53 -15.06 2.11
N TYR A 729 2.00 -16.31 2.14
CA TYR A 729 2.62 -16.88 3.34
C TYR A 729 1.68 -16.90 4.54
N GLY A 730 0.44 -17.35 4.31
CA GLY A 730 -0.54 -17.46 5.37
C GLY A 730 -0.92 -16.21 6.17
N SER A 731 -0.75 -15.04 5.58
CA SER A 731 -1.08 -13.79 6.28
C SER A 731 -2.58 -13.67 6.54
N ILE A 732 -2.93 -13.52 7.81
CA ILE A 732 -4.33 -13.40 8.22
C ILE A 732 -4.96 -12.12 7.69
N ARG A 737 -2.26 -8.25 -1.57
CA ARG A 737 -2.86 -7.82 -2.82
C ARG A 737 -1.86 -7.79 -3.99
N LEU A 738 -0.60 -7.44 -3.72
CA LEU A 738 0.43 -7.38 -4.76
C LEU A 738 1.22 -8.67 -4.89
N PRO A 739 1.91 -8.86 -6.04
CA PRO A 739 2.71 -10.06 -6.27
C PRO A 739 3.75 -10.17 -5.16
N ALA A 740 3.89 -11.36 -4.58
CA ALA A 740 4.84 -11.55 -3.48
C ALA A 740 6.14 -10.75 -3.60
N PRO A 741 6.88 -10.90 -4.70
CA PRO A 741 8.13 -10.16 -4.84
C PRO A 741 7.97 -8.66 -4.55
N VAL A 742 7.02 -8.02 -5.22
CA VAL A 742 6.84 -6.60 -5.00
C VAL A 742 6.40 -6.29 -3.58
N HIS A 743 5.48 -7.09 -3.06
CA HIS A 743 4.97 -6.86 -1.71
C HIS A 743 6.05 -6.87 -0.64
N TYR A 744 6.95 -7.84 -0.73
CA TYR A 744 8.00 -7.94 0.26
C TYR A 744 9.12 -6.92 0.08
N ALA A 745 9.36 -6.49 -1.14
CA ALA A 745 10.39 -5.48 -1.34
C ALA A 745 9.93 -4.28 -0.53
N HIS A 746 8.64 -3.98 -0.65
CA HIS A 746 8.04 -2.86 0.06
C HIS A 746 8.12 -3.02 1.58
N LYS A 747 7.77 -4.19 2.09
CA LYS A 747 7.83 -4.39 3.53
C LYS A 747 9.26 -4.17 4.00
N PHE A 748 10.22 -4.59 3.19
CA PHE A 748 11.61 -4.44 3.57
C PHE A 748 12.06 -2.99 3.49
N ALA A 749 11.69 -2.30 2.42
CA ALA A 749 12.06 -0.90 2.26
C ALA A 749 11.48 -0.17 3.45
N ASN A 750 10.41 -0.72 4.01
CA ASN A 750 9.77 -0.11 5.16
C ASN A 750 10.53 -0.43 6.44
N ALA A 751 11.12 -1.61 6.49
CA ALA A 751 11.86 -2.04 7.67
C ALA A 751 13.12 -1.19 7.82
N ILE A 752 13.76 -0.93 6.68
CA ILE A 752 14.97 -0.13 6.64
C ILE A 752 14.68 1.30 7.12
N ARG A 753 13.55 1.85 6.70
CA ARG A 753 13.19 3.20 7.10
C ARG A 753 12.68 3.27 8.55
N ASN A 754 12.52 2.13 9.19
CA ASN A 754 12.05 2.12 10.57
C ASN A 754 13.18 1.67 11.50
N GLU A 755 14.38 1.53 10.94
CA GLU A 755 15.57 1.16 11.71
C GLU A 755 15.75 -0.32 12.04
N TRP A 756 15.05 -1.20 11.34
CA TRP A 756 15.23 -2.61 11.61
C TRP A 756 16.68 -3.02 11.39
N LYS A 757 17.21 -3.89 12.26
CA LYS A 757 18.57 -4.37 12.07
C LYS A 757 18.58 -5.09 10.71
N ILE A 758 19.73 -5.10 10.05
CA ILE A 758 19.81 -5.75 8.74
C ILE A 758 20.70 -7.01 8.74
N LYS A 759 20.16 -8.14 9.24
CA LYS A 759 20.91 -9.40 9.28
C LYS A 759 21.05 -10.00 7.88
N GLU A 760 22.19 -9.80 7.23
CA GLU A 760 22.36 -10.35 5.90
C GLU A 760 22.47 -11.87 5.98
N GLU A 761 22.70 -12.37 7.18
CA GLU A 761 22.79 -13.81 7.33
C GLU A 761 21.37 -14.38 7.07
N PHE A 762 20.38 -13.68 7.61
CA PHE A 762 18.99 -14.09 7.48
C PHE A 762 18.36 -13.78 6.12
N LEU A 763 18.62 -12.58 5.62
CA LEU A 763 18.10 -12.16 4.35
C LEU A 763 18.69 -12.98 3.22
N ALA A 764 19.88 -13.53 3.46
CA ALA A 764 20.57 -14.32 2.45
C ALA A 764 19.81 -15.58 2.11
N GLU A 765 18.93 -15.99 3.03
CA GLU A 765 18.14 -17.19 2.79
C GLU A 765 16.64 -16.93 2.88
N GLY A 766 16.27 -15.69 2.62
CA GLY A 766 14.86 -15.30 2.61
C GLY A 766 14.07 -15.19 3.90
N PHE A 767 14.73 -14.95 5.03
CA PHE A 767 13.99 -14.80 6.28
C PHE A 767 13.13 -13.55 6.15
N LEU A 768 11.82 -13.71 6.26
CA LEU A 768 10.91 -12.56 6.20
C LEU A 768 10.67 -12.15 7.64
N TYR A 769 11.78 -11.93 8.36
CA TYR A 769 11.74 -11.56 9.77
C TYR A 769 11.18 -10.18 10.07
N PHE A 770 11.11 -9.32 9.06
CA PHE A 770 10.61 -7.94 9.18
C PHE A 770 9.17 -7.82 8.72
N VAL A 771 8.71 -8.85 8.04
CA VAL A 771 7.36 -8.89 7.53
C VAL A 771 6.43 -9.32 8.64
#